data_344D
# 
_entry.id   344D 
# 
_audit_conform.dict_name       mmcif_pdbx.dic 
_audit_conform.dict_version    5.375 
_audit_conform.dict_location   http://mmcif.pdb.org/dictionaries/ascii/mmcif_pdbx.dic 
# 
loop_
_database_2.database_id 
_database_2.database_code 
_database_2.pdbx_database_accession 
_database_2.pdbx_DOI 
PDB   344D         pdb_0000344d 10.2210/pdb344d/pdb 
RCSB  ADHB99       ?            ?                   
WWPDB D_1000178813 ?            ?                   
# 
_pdbx_database_status.status_code                     REL 
_pdbx_database_status.entry_id                        344D 
_pdbx_database_status.recvd_initial_deposition_date   1997-08-04 
_pdbx_database_status.deposit_site                    NDB 
_pdbx_database_status.process_site                    NDB 
_pdbx_database_status.SG_entry                        . 
_pdbx_database_status.pdb_format_compatible           Y 
_pdbx_database_status.status_code_mr                  ? 
_pdbx_database_status.status_code_sf                  ? 
_pdbx_database_status.status_code_cs                  ? 
_pdbx_database_status.status_code_nmr_data            ? 
_pdbx_database_status.methods_development_category    ? 
# 
loop_
_audit_author.name 
_audit_author.pdbx_ordinal 
'Todd, A.R.'   1 
'Adams, A.'    2 
'Powell, H.R.' 3 
'Cardin, C.J.' 4 
# 
_citation.id                        primary 
_citation.title                     
'Determination by MAD-DM of the structure of the DNA duplex d[ACGTACG(5-BrU)]2 at 1.46 A and 100 K.' 
_citation.journal_abbrev            'Acta Crystallogr.,Sect.D' 
_citation.journal_volume            55 
_citation.page_first                729 
_citation.page_last                 735 
_citation.year                      1999 
_citation.journal_id_ASTM           ABCRE6 
_citation.country                   DK 
_citation.journal_id_ISSN           0907-4449 
_citation.journal_id_CSD            0766 
_citation.book_publisher            ? 
_citation.pdbx_database_id_PubMed   10089302 
_citation.pdbx_database_id_DOI      10.1107/S090744499801261X 
# 
loop_
_citation_author.citation_id 
_citation_author.name 
_citation_author.ordinal 
_citation_author.identifier_ORCID 
primary 'Todd, A.K.'    1 ? 
primary 'Adams, A.'     2 ? 
primary 'Powell, H.R.'  3 ? 
primary 'Wilcock, D.J.' 4 ? 
primary 'Thorpe, J.H.'  5 ? 
primary 'Lausi, A.'     6 ? 
primary 'Zanini, F.'    7 ? 
primary 'Wakelin, L.P.' 8 ? 
primary 'Cardin, C.J.'  9 ? 
# 
_cell.entry_id           344D 
_cell.length_a           43.597 
_cell.length_b           43.597 
_cell.length_c           26.268 
_cell.angle_alpha        90.00 
_cell.angle_beta         90.00 
_cell.angle_gamma        90.00 
_cell.Z_PDB              8 
_cell.pdbx_unique_axis   ? 
# 
_symmetry.entry_id                         344D 
_symmetry.space_group_name_H-M             'P 43 21 2' 
_symmetry.pdbx_full_space_group_name_H-M   ? 
_symmetry.cell_setting                     ? 
_symmetry.Int_Tables_number                96 
# 
loop_
_entity.id 
_entity.type 
_entity.src_method 
_entity.pdbx_description 
_entity.formula_weight 
_entity.pdbx_number_of_molecules 
_entity.pdbx_ec 
_entity.pdbx_mutation 
_entity.pdbx_fragment 
_entity.details 
1 polymer syn 
;DNA (5'-D(*AP*CP*GP*TP*AP*CP*GP*(BRU))-3')
;
2491.487 1  ? ? ? ? 
2 water   nat water                                        18.015   88 ? ? ? ? 
# 
_entity_poly.entity_id                      1 
_entity_poly.type                           polydeoxyribonucleotide 
_entity_poly.nstd_linkage                   no 
_entity_poly.nstd_monomer                   yes 
_entity_poly.pdbx_seq_one_letter_code       '(DA)(DC)(DG)(DT)(DA)(DC)(DG)(BRU)' 
_entity_poly.pdbx_seq_one_letter_code_can   ACGTACGU 
_entity_poly.pdbx_strand_id                 A 
_entity_poly.pdbx_target_identifier         ? 
# 
loop_
_entity_poly_seq.entity_id 
_entity_poly_seq.num 
_entity_poly_seq.mon_id 
_entity_poly_seq.hetero 
1 1 DA  n 
1 2 DC  n 
1 3 DG  n 
1 4 DT  n 
1 5 DA  n 
1 6 DC  n 
1 7 DG  n 
1 8 BRU n 
# 
_struct_ref.id                         1 
_struct_ref.entity_id                  1 
_struct_ref.db_name                    PDB 
_struct_ref.db_code                    344D 
_struct_ref.pdbx_db_accession          344D 
_struct_ref.pdbx_db_isoform            ? 
_struct_ref.pdbx_seq_one_letter_code   ? 
_struct_ref.pdbx_align_begin           ? 
# 
_struct_ref_seq.align_id                      1 
_struct_ref_seq.ref_id                        1 
_struct_ref_seq.pdbx_PDB_id_code              344D 
_struct_ref_seq.pdbx_strand_id                A 
_struct_ref_seq.seq_align_beg                 1 
_struct_ref_seq.pdbx_seq_align_beg_ins_code   ? 
_struct_ref_seq.seq_align_end                 8 
_struct_ref_seq.pdbx_seq_align_end_ins_code   ? 
_struct_ref_seq.pdbx_db_accession             344D 
_struct_ref_seq.db_align_beg                  1 
_struct_ref_seq.pdbx_db_align_beg_ins_code    ? 
_struct_ref_seq.db_align_end                  8 
_struct_ref_seq.pdbx_db_align_end_ins_code    ? 
_struct_ref_seq.pdbx_auth_seq_align_beg       1 
_struct_ref_seq.pdbx_auth_seq_align_end       8 
# 
loop_
_chem_comp.id 
_chem_comp.type 
_chem_comp.mon_nstd_flag 
_chem_comp.name 
_chem_comp.pdbx_synonyms 
_chem_comp.formula 
_chem_comp.formula_weight 
BRU 'DNA linking' n "5-BROMO-2'-DEOXYURIDINE-5'-MONOPHOSPHATE" ? 'C9 H12 Br N2 O8 P' 387.078 
DA  'DNA linking' y "2'-DEOXYADENOSINE-5'-MONOPHOSPHATE"       ? 'C10 H14 N5 O6 P'   331.222 
DC  'DNA linking' y "2'-DEOXYCYTIDINE-5'-MONOPHOSPHATE"        ? 'C9 H14 N3 O7 P'    307.197 
DG  'DNA linking' y "2'-DEOXYGUANOSINE-5'-MONOPHOSPHATE"       ? 'C10 H14 N5 O7 P'   347.221 
DT  'DNA linking' y "THYMIDINE-5'-MONOPHOSPHATE"               ? 'C10 H15 N2 O8 P'   322.208 
HOH non-polymer   . WATER                                      ? 'H2 O'              18.015  
# 
_exptl.entry_id          344D 
_exptl.method            'X-RAY DIFFRACTION' 
_exptl.crystals_number   1 
# 
_exptl_crystal.id                    1 
_exptl_crystal.density_meas          ? 
_exptl_crystal.density_Matthews      2.50 
_exptl_crystal.density_percent_sol   50.90 
_exptl_crystal.description           ? 
# 
_exptl_crystal_grow.crystal_id      1 
_exptl_crystal_grow.method          ? 
_exptl_crystal_grow.temp            ? 
_exptl_crystal_grow.temp_details    ? 
_exptl_crystal_grow.pH              6.50 
_exptl_crystal_grow.pdbx_details    'pH 6.50' 
_exptl_crystal_grow.pdbx_pH_range   ? 
# 
_diffrn.id                     1 
_diffrn.ambient_temp           100.00 
_diffrn.ambient_temp_details   ? 
_diffrn.crystal_id             1 
# 
_diffrn_detector.diffrn_id              1 
_diffrn_detector.detector               'IMAGE PLATE' 
_diffrn_detector.type                   MARRESEARCH 
_diffrn_detector.pdbx_collection_date   1996-05-14 
_diffrn_detector.details                MIRROR 
# 
_diffrn_radiation.diffrn_id                        1 
_diffrn_radiation.wavelength_id                    1 
_diffrn_radiation.pdbx_monochromatic_or_laue_m_l   M 
_diffrn_radiation.monochromator                    'SI CRYSTAL' 
_diffrn_radiation.pdbx_diffrn_protocol             'SINGLE WAVELENGTH' 
_diffrn_radiation.pdbx_scattering_type             x-ray 
# 
_diffrn_radiation_wavelength.id           1 
_diffrn_radiation_wavelength.wavelength   . 
_diffrn_radiation_wavelength.wt           1.0 
# 
_diffrn_source.diffrn_id                   1 
_diffrn_source.source                      SYNCHROTRON 
_diffrn_source.type                        'ELETTRA BEAMLINE 5.2R' 
_diffrn_source.pdbx_synchrotron_site       ELETTRA 
_diffrn_source.pdbx_synchrotron_beamline   5.2R 
_diffrn_source.pdbx_wavelength             ? 
_diffrn_source.pdbx_wavelength_list        ? 
# 
_reflns.entry_id                     344D 
_reflns.observed_criterion_sigma_I   ? 
_reflns.observed_criterion_sigma_F   ? 
_reflns.d_resolution_low             15.000 
_reflns.d_resolution_high            1.400 
_reflns.number_obs                   8062 
_reflns.number_all                   ? 
_reflns.percent_possible_obs         98.300 
_reflns.pdbx_Rmerge_I_obs            0.071 
_reflns.pdbx_Rsym_value              ? 
_reflns.pdbx_netI_over_sigmaI        0.1370 
_reflns.B_iso_Wilson_estimate        ? 
_reflns.pdbx_redundancy              4.350 
_reflns.pdbx_diffrn_id               1 
_reflns.pdbx_ordinal                 1 
# 
_reflns_shell.d_res_high             1.400 
_reflns_shell.d_res_low              1.450 
_reflns_shell.percent_possible_all   60.10 
_reflns_shell.Rmerge_I_obs           0.137 
_reflns_shell.pdbx_Rsym_value        ? 
_reflns_shell.meanI_over_sigI_obs    ? 
_reflns_shell.pdbx_redundancy        1.100 
_reflns_shell.pdbx_diffrn_id         ? 
_reflns_shell.pdbx_ordinal           1 
# 
_refine.entry_id                                 344D 
_refine.ls_number_reflns_obs                     4555 
_refine.ls_number_reflns_all                     4555 
_refine.pdbx_ls_sigma_I                          ? 
_refine.pdbx_ls_sigma_F                          0.000 
_refine.pdbx_data_cutoff_high_absF               ? 
_refine.pdbx_data_cutoff_low_absF                ? 
_refine.pdbx_data_cutoff_high_rms_absF           ? 
_refine.ls_d_res_low                             ? 
_refine.ls_d_res_high                            1.460 
_refine.ls_percent_reflns_obs                    96.500 
_refine.ls_R_factor_obs                          0.1115 
_refine.ls_R_factor_all                          ? 
_refine.ls_R_factor_R_work                       ? 
_refine.ls_R_factor_R_free                       ? 
_refine.ls_R_factor_R_free_error                 ? 
_refine.ls_R_factor_R_free_error_details         ? 
_refine.ls_percent_reflns_R_free                 ? 
_refine.ls_number_reflns_R_free                  ? 
_refine.ls_number_parameters                     2232 
_refine.ls_number_restraints                     2730 
_refine.occupancy_min                            ? 
_refine.occupancy_max                            ? 
_refine.B_iso_mean                               ? 
_refine.aniso_B[1][1]                            ? 
_refine.aniso_B[2][2]                            ? 
_refine.aniso_B[3][3]                            ? 
_refine.aniso_B[1][2]                            ? 
_refine.aniso_B[1][3]                            ? 
_refine.aniso_B[2][3]                            ? 
_refine.solvent_model_details                    'MOEWS & KRETSINGER,J.MOL.BIOL.91(1973)201' 
_refine.solvent_model_param_ksol                 ? 
_refine.solvent_model_param_bsol                 ? 
_refine.pdbx_ls_cross_valid_method               ? 
_refine.details                                  'ANISOTROPIC REFINEMENT' 
_refine.pdbx_starting_model                      'NDB ENTRY ADH070 (PDB ENTRY 243D)' 
_refine.pdbx_method_to_determine_struct          MAD 
_refine.pdbx_isotropic_thermal_model             ? 
_refine.pdbx_stereochemistry_target_values       'ENGH AND HUBER' 
_refine.pdbx_stereochem_target_val_spec_case     ? 
_refine.pdbx_R_Free_selection_details            ? 
_refine.pdbx_overall_ESU_R                       ? 
_refine.pdbx_overall_ESU_R_Free                  ? 
_refine.overall_SU_ML                            ? 
_refine.overall_SU_B                             ? 
_refine.pdbx_refine_id                           'X-RAY DIFFRACTION' 
_refine.pdbx_diffrn_id                           1 
_refine.pdbx_TLS_residual_ADP_flag               ? 
_refine.correlation_coeff_Fo_to_Fc               ? 
_refine.correlation_coeff_Fo_to_Fc_free          ? 
_refine.pdbx_solvent_vdw_probe_radii             ? 
_refine.pdbx_solvent_ion_probe_radii             ? 
_refine.pdbx_solvent_shrinkage_radii             ? 
_refine.pdbx_overall_phase_error                 ? 
_refine.overall_SU_R_Cruickshank_DPI             ? 
_refine.pdbx_overall_SU_R_free_Cruickshank_DPI   ? 
_refine.pdbx_overall_SU_R_Blow_DPI               ? 
_refine.pdbx_overall_SU_R_free_Blow_DPI          ? 
# 
_refine_analyze.entry_id                        344D 
_refine_analyze.Luzzati_coordinate_error_obs    ? 
_refine_analyze.Luzzati_sigma_a_obs             ? 
_refine_analyze.Luzzati_d_res_low_obs           ? 
_refine_analyze.Luzzati_coordinate_error_free   ? 
_refine_analyze.Luzzati_sigma_a_free            ? 
_refine_analyze.Luzzati_d_res_low_free          ? 
_refine_analyze.number_disordered_residues      0 
_refine_analyze.occupancy_sum_hydrogen          0.00 
_refine_analyze.occupancy_sum_non_hydrogen      245.00 
_refine_analyze.pdbx_refine_id                  'X-RAY DIFFRACTION' 
# 
_refine_hist.pdbx_refine_id                   'X-RAY DIFFRACTION' 
_refine_hist.cycle_id                         LAST 
_refine_hist.pdbx_number_atoms_protein        0 
_refine_hist.pdbx_number_atoms_nucleic_acid   161 
_refine_hist.pdbx_number_atoms_ligand         0 
_refine_hist.number_atoms_solvent             88 
_refine_hist.number_atoms_total               249 
_refine_hist.d_res_high                       1.460 
_refine_hist.d_res_low                        . 
# 
loop_
_refine_ls_restr.type 
_refine_ls_restr.dev_ideal 
_refine_ls_restr.dev_ideal_target 
_refine_ls_restr.weight 
_refine_ls_restr.number 
_refine_ls_restr.pdbx_refine_id 
_refine_ls_restr.pdbx_restraint_function 
s_bond_d               ?     ? ? ? 'X-RAY DIFFRACTION' ? 
s_angle_d              0.006 ? ? ? 'X-RAY DIFFRACTION' ? 
s_similar_dist         ?     ? ? ? 'X-RAY DIFFRACTION' ? 
s_from_restr_planes    ?     ? ? ? 'X-RAY DIFFRACTION' ? 
s_zero_chiral_vol      ?     ? ? ? 'X-RAY DIFFRACTION' ? 
s_non_zero_chiral_vol  ?     ? ? ? 'X-RAY DIFFRACTION' ? 
s_anti_bump_dis_restr  ?     ? ? ? 'X-RAY DIFFRACTION' ? 
s_rigid_bond_adp_cmpnt ?     ? ? ? 'X-RAY DIFFRACTION' ? 
s_similar_adp_cmpnt    ?     ? ? ? 'X-RAY DIFFRACTION' ? 
s_approx_iso_adps      ?     ? ? ? 'X-RAY DIFFRACTION' ? 
# 
_pdbx_refine.entry_id                                    344D 
_pdbx_refine.R_factor_all_no_cutoff                      ? 
_pdbx_refine.R_factor_obs_no_cutoff                      0.1115 
_pdbx_refine.free_R_factor_no_cutoff                     ? 
_pdbx_refine.free_R_val_test_set_size_perc_no_cutoff     ? 
_pdbx_refine.free_R_val_test_set_ct_no_cutoff            ? 
_pdbx_refine.R_factor_all_4sig_cutoff                    ? 
_pdbx_refine.R_factor_obs_4sig_cutoff                    0.1091 
_pdbx_refine.free_R_factor_4sig_cutoff                   ? 
_pdbx_refine.free_R_val_test_set_size_perc_4sig_cutoff   ? 
_pdbx_refine.free_R_val_test_set_ct_4sig_cutoff          ? 
_pdbx_refine.number_reflns_obs_4sig_cutoff               4312 
_pdbx_refine.pdbx_refine_id                              'X-RAY DIFFRACTION' 
_pdbx_refine.free_R_error_no_cutoff                      ? 
# 
_struct.entry_id                  344D 
_struct.title                     'DETERMINATION BY MAD-DM OF THE STRUCTURE OF THE DNA DUPLEX D(ACGTACG(5-BRU))2 AT 1.46A AND 100K' 
_struct.pdbx_model_details        ? 
_struct.pdbx_CASP_flag            ? 
_struct.pdbx_model_type_details   ? 
# 
_struct_keywords.entry_id        344D 
_struct_keywords.pdbx_keywords   DNA 
_struct_keywords.text            'A-DNA, DOUBLE HELIX, MODIFIED, DNA' 
# 
loop_
_struct_asym.id 
_struct_asym.pdbx_blank_PDB_chainid_flag 
_struct_asym.pdbx_modified 
_struct_asym.entity_id 
_struct_asym.details 
A N N 1 ? 
B N N 2 ? 
# 
_struct_biol.id   1 
# 
loop_
_struct_conn.id 
_struct_conn.conn_type_id 
_struct_conn.pdbx_leaving_atom_flag 
_struct_conn.pdbx_PDB_id 
_struct_conn.ptnr1_label_asym_id 
_struct_conn.ptnr1_label_comp_id 
_struct_conn.ptnr1_label_seq_id 
_struct_conn.ptnr1_label_atom_id 
_struct_conn.pdbx_ptnr1_label_alt_id 
_struct_conn.pdbx_ptnr1_PDB_ins_code 
_struct_conn.pdbx_ptnr1_standard_comp_id 
_struct_conn.ptnr1_symmetry 
_struct_conn.ptnr2_label_asym_id 
_struct_conn.ptnr2_label_comp_id 
_struct_conn.ptnr2_label_seq_id 
_struct_conn.ptnr2_label_atom_id 
_struct_conn.pdbx_ptnr2_label_alt_id 
_struct_conn.pdbx_ptnr2_PDB_ins_code 
_struct_conn.ptnr1_auth_asym_id 
_struct_conn.ptnr1_auth_comp_id 
_struct_conn.ptnr1_auth_seq_id 
_struct_conn.ptnr2_auth_asym_id 
_struct_conn.ptnr2_auth_comp_id 
_struct_conn.ptnr2_auth_seq_id 
_struct_conn.ptnr2_symmetry 
_struct_conn.pdbx_ptnr3_label_atom_id 
_struct_conn.pdbx_ptnr3_label_seq_id 
_struct_conn.pdbx_ptnr3_label_comp_id 
_struct_conn.pdbx_ptnr3_label_asym_id 
_struct_conn.pdbx_ptnr3_label_alt_id 
_struct_conn.pdbx_ptnr3_PDB_ins_code 
_struct_conn.details 
_struct_conn.pdbx_dist_value 
_struct_conn.pdbx_value_order 
_struct_conn.pdbx_role 
covale1  covale both ? A DG  7 "O3'" ? ? ? 1_555 A BRU 8 P  ? ? A DG  7 A BRU 8 1_555 ? ? ? ? ? ? ?            1.658 ? ? 
hydrog1  hydrog ?    ? A DA  1 N1    ? ? ? 1_555 A BRU 8 N3 ? ? A DA  1 A BRU 8 7_555 ? ? ? ? ? ? WATSON-CRICK ?     ? ? 
hydrog2  hydrog ?    ? A DA  1 N6    ? ? ? 1_555 A BRU 8 O4 ? ? A DA  1 A BRU 8 7_555 ? ? ? ? ? ? WATSON-CRICK ?     ? ? 
hydrog3  hydrog ?    ? A DC  2 N3    ? ? ? 1_555 A DG  7 N1 ? ? A DC  2 A DG  7 7_555 ? ? ? ? ? ? WATSON-CRICK ?     ? ? 
hydrog4  hydrog ?    ? A DC  2 N4    ? ? ? 1_555 A DG  7 O6 ? ? A DC  2 A DG  7 7_555 ? ? ? ? ? ? WATSON-CRICK ?     ? ? 
hydrog5  hydrog ?    ? A DC  2 O2    ? ? ? 1_555 A DG  7 N2 ? ? A DC  2 A DG  7 7_555 ? ? ? ? ? ? WATSON-CRICK ?     ? ? 
hydrog6  hydrog ?    ? A DG  3 N1    ? ? ? 1_555 A DC  6 N3 ? ? A DG  3 A DC  6 7_555 ? ? ? ? ? ? WATSON-CRICK ?     ? ? 
hydrog7  hydrog ?    ? A DG  3 N2    ? ? ? 1_555 A DC  6 O2 ? ? A DG  3 A DC  6 7_555 ? ? ? ? ? ? WATSON-CRICK ?     ? ? 
hydrog8  hydrog ?    ? A DG  3 O6    ? ? ? 1_555 A DC  6 N4 ? ? A DG  3 A DC  6 7_555 ? ? ? ? ? ? WATSON-CRICK ?     ? ? 
hydrog9  hydrog ?    ? A DT  4 N3    ? ? ? 1_555 A DA  5 N1 ? ? A DT  4 A DA  5 7_555 ? ? ? ? ? ? WATSON-CRICK ?     ? ? 
hydrog10 hydrog ?    ? A DT  4 O4    ? ? ? 1_555 A DA  5 N6 ? ? A DT  4 A DA  5 7_555 ? ? ? ? ? ? WATSON-CRICK ?     ? ? 
hydrog11 hydrog ?    ? A DA  5 N1    ? ? ? 1_555 A DT  4 N3 ? ? A DA  5 A DT  4 7_555 ? ? ? ? ? ? WATSON-CRICK ?     ? ? 
hydrog12 hydrog ?    ? A DA  5 N6    ? ? ? 1_555 A DT  4 O4 ? ? A DA  5 A DT  4 7_555 ? ? ? ? ? ? WATSON-CRICK ?     ? ? 
hydrog13 hydrog ?    ? A DC  6 N3    ? ? ? 1_555 A DG  3 N1 ? ? A DC  6 A DG  3 7_555 ? ? ? ? ? ? WATSON-CRICK ?     ? ? 
hydrog14 hydrog ?    ? A DC  6 N4    ? ? ? 1_555 A DG  3 O6 ? ? A DC  6 A DG  3 7_555 ? ? ? ? ? ? WATSON-CRICK ?     ? ? 
hydrog15 hydrog ?    ? A DC  6 O2    ? ? ? 1_555 A DG  3 N2 ? ? A DC  6 A DG  3 7_555 ? ? ? ? ? ? WATSON-CRICK ?     ? ? 
hydrog16 hydrog ?    ? A DG  7 N1    ? ? ? 1_555 A DC  2 N3 ? ? A DG  7 A DC  2 7_555 ? ? ? ? ? ? WATSON-CRICK ?     ? ? 
hydrog17 hydrog ?    ? A DG  7 N2    ? ? ? 1_555 A DC  2 O2 ? ? A DG  7 A DC  2 7_555 ? ? ? ? ? ? WATSON-CRICK ?     ? ? 
hydrog18 hydrog ?    ? A DG  7 O6    ? ? ? 1_555 A DC  2 N4 ? ? A DG  7 A DC  2 7_555 ? ? ? ? ? ? WATSON-CRICK ?     ? ? 
hydrog19 hydrog ?    ? A BRU 8 N3    ? ? ? 1_555 A DA  1 N1 ? ? A BRU 8 A DA  1 7_555 ? ? ? ? ? ? WATSON-CRICK ?     ? ? 
hydrog20 hydrog ?    ? A BRU 8 O4    ? ? ? 1_555 A DA  1 N6 ? ? A BRU 8 A DA  1 7_555 ? ? ? ? ? ? WATSON-CRICK ?     ? ? 
# 
loop_
_struct_conn_type.id 
_struct_conn_type.criteria 
_struct_conn_type.reference 
covale ? ? 
hydrog ? ? 
# 
_atom_sites.entry_id                    344D 
_atom_sites.fract_transf_matrix[1][1]   -0.01006743 
_atom_sites.fract_transf_matrix[1][2]   -0.00165259 
_atom_sites.fract_transf_matrix[1][3]   0.02054317 
_atom_sites.fract_transf_matrix[2][1]   0.01585256 
_atom_sites.fract_transf_matrix[2][2]   -0.01523106 
_atom_sites.fract_transf_matrix[2][3]   0.00654348 
_atom_sites.fract_transf_matrix[3][1]   0.02185853 
_atom_sites.fract_transf_matrix[3][2]   0.02833166 
_atom_sites.fract_transf_matrix[3][3]   0.01299116 
_atom_sites.fract_transf_vector[1]      0.739316 
_atom_sites.fract_transf_vector[2]      0.737013 
_atom_sites.fract_transf_vector[3]      0.112893 
# 
loop_
_atom_type.symbol 
BR 
C  
N  
O  
P  
# 
loop_
_atom_site.group_PDB 
_atom_site.id 
_atom_site.type_symbol 
_atom_site.label_atom_id 
_atom_site.label_alt_id 
_atom_site.label_comp_id 
_atom_site.label_asym_id 
_atom_site.label_entity_id 
_atom_site.label_seq_id 
_atom_site.pdbx_PDB_ins_code 
_atom_site.Cartn_x 
_atom_site.Cartn_y 
_atom_site.Cartn_z 
_atom_site.occupancy 
_atom_site.B_iso_or_equiv 
_atom_site.pdbx_formal_charge 
_atom_site.auth_seq_id 
_atom_site.auth_comp_id 
_atom_site.auth_asym_id 
_atom_site.auth_atom_id 
_atom_site.pdbx_PDB_model_num 
ATOM   1   O  "O5'" . DA  A 1 1 ? -11.800 0.886   -9.429  1.00 13.74  ? 1  DA  A "O5'" 1 
ATOM   2   C  "C5'" . DA  A 1 1 ? -12.544 2.093   -9.964  1.00 12.85  ? 1  DA  A "C5'" 1 
ATOM   3   C  "C4'" . DA  A 1 1 ? -13.003 2.993   -8.749  1.00 10.57  ? 1  DA  A "C4'" 1 
ATOM   4   O  "O4'" . DA  A 1 1 ? -14.061 2.258   -7.970  1.00 9.46   ? 1  DA  A "O4'" 1 
ATOM   5   C  "C3'" . DA  A 1 1 ? -11.946 3.449   -7.615  1.00 9.57   ? 1  DA  A "C3'" 1 
ATOM   6   O  "O3'" . DA  A 1 1 ? -11.170 4.621   -8.084  1.00 11.63  ? 1  DA  A "O3'" 1 
ATOM   7   C  "C2'" . DA  A 1 1 ? -12.910 3.770   -6.352  1.00 9.14   ? 1  DA  A "C2'" 1 
ATOM   8   C  "C1'" . DA  A 1 1 ? -13.969 2.647   -6.518  1.00 8.08   ? 1  DA  A "C1'" 1 
ATOM   9   N  N9    . DA  A 1 1 ? -13.538 1.394   -5.724  1.00 8.05   ? 1  DA  A N9    1 
ATOM   10  C  C8    . DA  A 1 1 ? -12.921 0.256   -6.219  1.00 9.14   ? 1  DA  A C8    1 
ATOM   11  N  N7    . DA  A 1 1 ? -12.657 -0.659  -5.230  1.00 9.39   ? 1  DA  A N7    1 
ATOM   12  C  C5    . DA  A 1 1 ? -13.132 -0.038  -4.052  1.00 8.06   ? 1  DA  A C5    1 
ATOM   13  C  C6    . DA  A 1 1 ? -13.135 -0.494  -2.690  1.00 7.91   ? 1  DA  A C6    1 
ATOM   14  N  N6    . DA  A 1 1 ? -12.631 -1.743  -2.306  1.00 8.18   ? 1  DA  A N6    1 
ATOM   15  N  N1    . DA  A 1 1 ? -13.692 0.369   -1.728  1.00 8.39   ? 1  DA  A N1    1 
ATOM   16  C  C2    . DA  A 1 1 ? -14.185 1.575   -2.122  1.00 7.65   ? 1  DA  A C2    1 
ATOM   17  N  N3    . DA  A 1 1 ? -14.224 2.088   -3.417  1.00 8.29   ? 1  DA  A N3    1 
ATOM   18  C  C4    . DA  A 1 1 ? -13.661 1.209   -4.335  1.00 8.33   ? 1  DA  A C4    1 
ATOM   19  P  P     . DC  A 1 2 ? -9.594  4.835   -7.684  1.00 13.37  ? 2  DC  A P     1 
ATOM   20  O  OP1   . DC  A 1 2 ? -9.137  6.121   -8.396  1.00 16.33  ? 2  DC  A OP1   1 
ATOM   21  O  OP2   . DC  A 1 2 ? -8.792  3.558   -7.903  1.00 15.36  ? 2  DC  A OP2   1 
ATOM   22  O  "O5'" . DC  A 1 2 ? -9.593  5.078   -6.042  1.00 13.22  ? 2  DC  A "O5'" 1 
ATOM   23  C  "C5'" . DC  A 1 2 ? -10.139 6.405   -5.532  1.00 12.13  ? 2  DC  A "C5'" 1 
ATOM   24  C  "C4'" . DC  A 1 2 ? -10.349 6.256   -3.992  1.00 11.34  ? 2  DC  A "C4'" 1 
ATOM   25  O  "O4'" . DC  A 1 2 ? -11.297 5.107   -3.718  1.00 10.69  ? 2  DC  A "O4'" 1 
ATOM   26  C  "C3'" . DC  A 1 2 ? -9.061  5.792   -3.079  1.00 12.19  ? 2  DC  A "C3'" 1 
ATOM   27  O  "O3'" . DC  A 1 2 ? -8.202  6.966   -2.968  1.00 13.06  ? 2  DC  A "O3'" 1 
ATOM   28  C  "C2'" . DC  A 1 2 ? -9.804  5.354   -1.713  1.00 11.08  ? 2  DC  A "C2'" 1 
ATOM   29  C  "C1'" . DC  A 1 2 ? -10.963 4.532   -2.369  1.00 10.58  ? 2  DC  A "C1'" 1 
ATOM   30  N  N1    . DC  A 1 2 ? -10.512 3.025   -2.545  1.00 11.03  ? 2  DC  A N1    1 
ATOM   31  C  C2    . DC  A 1 2 ? -10.564 2.202   -1.396  1.00 10.52  ? 2  DC  A C2    1 
ATOM   32  O  O2    . DC  A 1 2 ? -10.973 2.698   -0.299  1.00 9.87   ? 2  DC  A O2    1 
ATOM   33  N  N3    . DC  A 1 2 ? -10.170 0.872   -1.489  1.00 9.08   ? 2  DC  A N3    1 
ATOM   34  C  C4    . DC  A 1 2 ? -9.728  0.386   -2.686  1.00 10.50  ? 2  DC  A C4    1 
ATOM   35  N  N4    . DC  A 1 2 ? -9.360  -0.954  -2.705  1.00 11.64  ? 2  DC  A N4    1 
ATOM   36  C  C5    . DC  A 1 2 ? -9.675  1.210   -3.864  1.00 11.63  ? 2  DC  A C5    1 
ATOM   37  C  C6    . DC  A 1 2 ? -10.052 2.517   -3.768  1.00 10.55  ? 2  DC  A C6    1 
ATOM   38  P  P     . DG  A 1 3 ? -6.562  6.895   -2.676  1.00 13.63  ? 3  DG  A P     1 
ATOM   39  O  OP1   . DG  A 1 3 ? -6.045  8.337   -2.781  1.00 17.70  ? 3  DG  A OP1   1 
ATOM   40  O  OP2   . DG  A 1 3 ? -5.951  5.773   -3.534  1.00 16.85  ? 3  DG  A OP2   1 
ATOM   41  O  "O5'" . DG  A 1 3 ? -6.408  6.388   -1.093  1.00 12.28  ? 3  DG  A "O5'" 1 
ATOM   42  C  "C5'" . DG  A 1 3 ? -6.915  7.330   -0.032  1.00 12.06  ? 3  DG  A "C5'" 1 
ATOM   43  C  "C4'" . DG  A 1 3 ? -6.982  6.466   1.315   1.00 11.26  ? 3  DG  A "C4'" 1 
ATOM   44  O  "O4'" . DG  A 1 3 ? -7.906  5.288   1.153   1.00 10.00  ? 3  DG  A "O4'" 1 
ATOM   45  C  "C3'" . DG  A 1 3 ? -5.572  5.758   1.801   1.00 10.50  ? 3  DG  A "C3'" 1 
ATOM   46  O  "O3'" . DG  A 1 3 ? -4.828  6.799   2.548   1.00 10.50  ? 3  DG  A "O3'" 1 
ATOM   47  C  "C2'" . DG  A 1 3 ? -6.146  4.628   2.820   1.00 10.03  ? 3  DG  A "C2'" 1 
ATOM   48  C  "C1'" . DG  A 1 3 ? -7.322  4.159   1.983   1.00 9.73   ? 3  DG  A "C1'" 1 
ATOM   49  N  N9    . DG  A 1 3 ? -7.104  3.000   0.996   1.00 9.91   ? 3  DG  A N9    1 
ATOM   50  C  C8    . DG  A 1 3 ? -7.079  2.978   -0.405  1.00 9.35   ? 3  DG  A C8    1 
ATOM   51  N  N7    . DG  A 1 3 ? -6.848  1.753   -0.885  1.00 9.70   ? 3  DG  A N7    1 
ATOM   52  C  C5    . DG  A 1 3 ? -6.724  0.932   0.275   1.00 9.24   ? 3  DG  A C5    1 
ATOM   53  C  C6    . DG  A 1 3 ? -6.477  -0.481  0.404   1.00 8.41   ? 3  DG  A C6    1 
ATOM   54  O  O6    . DG  A 1 3 ? -6.316  -1.334  -0.507  1.00 9.49   ? 3  DG  A O6    1 
ATOM   55  N  N1    . DG  A 1 3 ? -6.409  -0.973  1.723   1.00 8.29   ? 3  DG  A N1    1 
ATOM   56  C  C2    . DG  A 1 3 ? -6.577  -0.093  2.839   1.00 7.89   ? 3  DG  A C2    1 
ATOM   57  N  N2    . DG  A 1 3 ? -6.485  -0.706  4.090   1.00 8.05   ? 3  DG  A N2    1 
ATOM   58  N  N3    . DG  A 1 3 ? -6.814  1.231   2.734   1.00 8.32   ? 3  DG  A N3    1 
ATOM   59  C  C4    . DG  A 1 3 ? -6.876  1.682   1.428   1.00 9.03   ? 3  DG  A C4    1 
ATOM   60  P  P     . DT  A 1 4 ? -3.207  6.592   2.816   1.00 12.08  ? 4  DT  A P     1 
ATOM   61  O  OP1   . DT  A 1 4 ? -2.746  7.848   3.604   1.00 14.53  ? 4  DT  A OP1   1 
ATOM   62  O  OP2   . DT  A 1 4 ? -2.517  6.139   1.518   1.00 12.63  ? 4  DT  A OP2   1 
ATOM   63  O  "O5'" . DT  A 1 4 ? -3.114  5.267   3.837   1.00 10.07  ? 4  DT  A "O5'" 1 
ATOM   64  C  "C5'" . DT  A 1 4 ? -3.538  5.388   5.269   1.00 10.21  ? 4  DT  A "C5'" 1 
ATOM   65  C  "C4'" . DT  A 1 4 ? -3.236  3.981   5.970   1.00 10.15  ? 4  DT  A "C4'" 1 
ATOM   66  O  "O4'" . DT  A 1 4 ? -4.057  2.923   5.291   1.00 9.20   ? 4  DT  A "O4'" 1 
ATOM   67  C  "C3'" . DT  A 1 4 ? -1.691  3.430   5.790   1.00 10.04  ? 4  DT  A "C3'" 1 
ATOM   68  O  "O3'" . DT  A 1 4 ? -0.960  4.041   6.917   1.00 11.54  ? 4  DT  A "O3'" 1 
ATOM   69  C  "C2'" . DT  A 1 4 ? -1.858  1.830   6.005   1.00 10.18  ? 4  DT  A "C2'" 1 
ATOM   70  C  "C1'" . DT  A 1 4 ? -3.177  1.673   5.283   1.00 9.55   ? 4  DT  A "C1'" 1 
ATOM   71  N  N1    . DT  A 1 4 ? -3.129  1.180   3.796   1.00 8.20   ? 4  DT  A N1    1 
ATOM   72  C  C2    . DT  A 1 4 ? -2.943  -0.202  3.598   1.00 7.66   ? 4  DT  A C2    1 
ATOM   73  O  O2    . DT  A 1 4 ? -2.818  -1.035  4.538   1.00 7.28   ? 4  DT  A O2    1 
ATOM   74  N  N3    . DT  A 1 4 ? -2.904  -0.652  2.264   1.00 7.90   ? 4  DT  A N3    1 
ATOM   75  C  C4    . DT  A 1 4 ? -3.011  0.216   1.140   1.00 7.06   ? 4  DT  A C4    1 
ATOM   76  O  O4    . DT  A 1 4 ? -2.945  -0.305  -0.022  1.00 8.60   ? 4  DT  A O4    1 
ATOM   77  C  C5    . DT  A 1 4 ? -3.191  1.628   1.451   1.00 9.28   ? 4  DT  A C5    1 
ATOM   78  C  C7    . DT  A 1 4 ? -3.303  2.633   0.225   1.00 8.83   ? 4  DT  A C7    1 
ATOM   79  C  C6    . DT  A 1 4 ? -3.234  2.051   2.727   1.00 8.71   ? 4  DT  A C6    1 
ATOM   80  P  P     . DA  A 1 5 ? 0.687   4.051   6.908   1.00 14.18  ? 5  DA  A P     1 
ATOM   81  O  OP1   . DA  A 1 5 ? 1.146   4.878   8.105   1.00 18.94  ? 5  DA  A OP1   1 
ATOM   82  O  OP2   . DA  A 1 5 ? 1.247   4.314   5.521   1.00 19.30  ? 5  DA  A OP2   1 
ATOM   83  O  "O5'" . DA  A 1 5 ? 0.951   2.431   7.287   1.00 12.24  ? 5  DA  A "O5'" 1 
ATOM   84  C  "C5'" . DA  A 1 5 ? 2.136   1.757   6.642   1.00 12.24  ? 5  DA  A "C5'" 1 
ATOM   85  C  "C4'" . DA  A 1 5 ? 1.960   0.212   6.967   1.00 10.03  ? 5  DA  A "C4'" 1 
ATOM   86  O  "O4'" . DA  A 1 5 ? 0.677   -0.272  6.336   1.00 8.77   ? 5  DA  A "O4'" 1 
ATOM   87  C  "C3'" . DA  A 1 5 ? 3.100   -0.768  6.365   1.00 10.72  ? 5  DA  A "C3'" 1 
ATOM   88  O  "O3'" . DA  A 1 5 ? 4.173   -0.827  7.373   1.00 12.54  ? 5  DA  A "O3'" 1 
ATOM   89  C  "C2'" . DA  A 1 5 ? 2.335   -2.170  6.194   1.00 9.10   ? 5  DA  A "C2'" 1 
ATOM   90  C  "C1'" . DA  A 1 5 ? 1.015   -1.601  5.706   1.00 8.24   ? 5  DA  A "C1'" 1 
ATOM   91  N  N9    . DA  A 1 5 ? 0.805   -1.337  4.209   1.00 8.64   ? 5  DA  A N9    1 
ATOM   92  C  C8    . DA  A 1 5 ? 0.627   -0.125  3.556   1.00 8.11   ? 5  DA  A C8    1 
ATOM   93  N  N7    . DA  A 1 5 ? 0.465   -0.233  2.218   1.00 8.42   ? 5  DA  A N7    1 
ATOM   94  C  C5    . DA  A 1 5 ? 0.518   -1.694  2.016   1.00 8.28   ? 5  DA  A C5    1 
ATOM   95  C  C6    . DA  A 1 5 ? 0.390   -2.446  0.843   1.00 9.22   ? 5  DA  A C6    1 
ATOM   96  N  N6    . DA  A 1 5 ? 0.194   -1.926  -0.409  1.00 9.06   ? 5  DA  A N6    1 
ATOM   97  N  N1    . DA  A 1 5 ? 0.493   -3.812  0.916   1.00 7.63   ? 5  DA  A N1    1 
ATOM   98  C  C2    . DA  A 1 5 ? 0.706   -4.335  2.173   1.00 7.54   ? 5  DA  A C2    1 
ATOM   99  N  N3    . DA  A 1 5 ? 0.837   -3.712  3.377   1.00 7.94   ? 5  DA  A N3    1 
ATOM   100 C  C4    . DA  A 1 5 ? 0.724   -2.332  3.229   1.00 8.33   ? 5  DA  A C4    1 
ATOM   101 P  P     . DC  A 1 6 ? 5.756   -0.937  6.885   1.00 13.13  ? 6  DC  A P     1 
ATOM   102 O  OP1   . DC  A 1 6 ? 6.600   -0.983  8.153   1.00 15.85  ? 6  DC  A OP1   1 
ATOM   103 O  OP2   . DC  A 1 6 ? 6.039   0.128   5.795   1.00 15.52  ? 6  DC  A OP2   1 
ATOM   104 O  "O5'" . DC  A 1 6 ? 5.800   -2.389  6.069   1.00 11.31  ? 6  DC  A "O5'" 1 
ATOM   105 C  "C5'" . DC  A 1 6 ? 5.700   -3.674  6.838   1.00 13.28  ? 6  DC  A "C5'" 1 
ATOM   106 C  "C4'" . DC  A 1 6 ? 5.567   -4.849  5.804   1.00 11.52  ? 6  DC  A "C4'" 1 
ATOM   107 O  "O4'" . DC  A 1 6 ? 4.258   -4.707  5.019   1.00 10.16  ? 6  DC  A "O4'" 1 
ATOM   108 C  "C3'" . DC  A 1 6 ? 6.671   -4.918  4.608   1.00 11.41  ? 6  DC  A "C3'" 1 
ATOM   109 O  "O3'" . DC  A 1 6 ? 7.884   -5.488  5.194   1.00 12.71  ? 6  DC  A "O3'" 1 
ATOM   110 C  "C2'" . DC  A 1 6 ? 5.924   -5.921  3.586   1.00 9.84   ? 6  DC  A "C2'" 1 
ATOM   111 C  "C1'" . DC  A 1 6 ? 4.533   -5.271  3.639   1.00 9.10   ? 6  DC  A "C1'" 1 
ATOM   112 N  N1    . DC  A 1 6 ? 4.311   -4.051  2.616   1.00 8.39   ? 6  DC  A N1    1 
ATOM   113 C  C2    . DC  A 1 6 ? 4.061   -4.426  1.297   1.00 8.37   ? 6  DC  A C2    1 
ATOM   114 O  O2    . DC  A 1 6 ? 4.020   -5.670  0.987   1.00 9.04   ? 6  DC  A O2    1 
ATOM   115 N  N3    . DC  A 1 6 ? 3.861   -3.441  0.348   1.00 8.36   ? 6  DC  A N3    1 
ATOM   116 C  C4    . DC  A 1 6 ? 3.911   -2.102  0.708   1.00 9.08   ? 6  DC  A C4    1 
ATOM   117 N  N4    . DC  A 1 6 ? 3.700   -1.157  -0.298  1.00 9.54   ? 6  DC  A N4    1 
ATOM   118 C  C5    . DC  A 1 6 ? 4.197   -1.685  2.088   1.00 8.13   ? 6  DC  A C5    1 
ATOM   119 C  C6    . DC  A 1 6 ? 4.390   -2.677  3.013   1.00 8.73   ? 6  DC  A C6    1 
ATOM   120 P  P     . DG  A 1 7 ? 9.350   -5.011  4.583   1.00 11.90  ? 7  DG  A P     1 
ATOM   121 O  OP1   . DG  A 1 7 ? 10.447  -5.621  5.442   1.00 14.99  ? 7  DG  A OP1   1 
ATOM   122 O  OP2   . DG  A 1 7 ? 9.358   -3.485  4.345   1.00 14.78  ? 7  DG  A OP2   1 
ATOM   123 O  "O5'" . DG  A 1 7 ? 9.413   -5.693  3.046   1.00 10.62  ? 7  DG  A "O5'" 1 
ATOM   124 C  "C5'" . DG  A 1 7 ? 9.381   -7.197  2.956   1.00 10.25  ? 7  DG  A "C5'" 1 
ATOM   125 C  "C4'" . DG  A 1 7 ? 9.105   -7.613  1.452   1.00 9.05   ? 7  DG  A "C4'" 1 
ATOM   126 O  "O4'" . DG  A 1 7 ? 7.791   -7.042  1.007   1.00 9.10   ? 7  DG  A "O4'" 1 
ATOM   127 C  "C3'" . DG  A 1 7 ? 10.134  -7.055  0.313   1.00 8.72   ? 7  DG  A "C3'" 1 
ATOM   128 O  "O3'" . DG  A 1 7 ? 11.320  -7.957  0.339   1.00 8.65   ? 7  DG  A "O3'" 1 
ATOM   129 C  "C2'" . DG  A 1 7 ? 9.244   -7.192  -1.022  1.00 9.09   ? 7  DG  A "C2'" 1 
ATOM   130 C  "C1'" . DG  A 1 7 ? 7.882   -6.756  -0.470  1.00 8.26   ? 7  DG  A "C1'" 1 
ATOM   131 N  N9    . DG  A 1 7 ? 7.525   -5.255  -0.666  1.00 7.79   ? 7  DG  A N9    1 
ATOM   132 C  C8    . DG  A 1 7 ? 7.451   -4.231  0.261   1.00 8.42   ? 7  DG  A C8    1 
ATOM   133 N  N7    . DG  A 1 7 ? 7.112   -3.049  -0.309  1.00 9.52   ? 7  DG  A N7    1 
ATOM   134 C  C5    . DG  A 1 7 ? 6.959   -3.343  -1.689  1.00 8.81   ? 7  DG  A C5    1 
ATOM   135 C  C6    . DG  A 1 7 ? 6.617   -2.510  -2.771  1.00 9.71   ? 7  DG  A C6    1 
ATOM   136 O  O6    . DG  A 1 7 ? 6.351   -1.271  -2.758  1.00 9.97   ? 7  DG  A O6    1 
ATOM   137 N  N1    . DG  A 1 7 ? 6.572   -3.191  -4.044  1.00 9.36   ? 7  DG  A N1    1 
ATOM   138 C  C2    . DG  A 1 7 ? 6.857   -4.576  -4.182  1.00 9.00   ? 7  DG  A C2    1 
ATOM   139 N  N2    . DG  A 1 7 ? 6.770   -5.072  -5.455  1.00 9.86   ? 7  DG  A N2    1 
ATOM   140 N  N3    . DG  A 1 7 ? 7.181   -5.382  -3.127  1.00 8.22   ? 7  DG  A N3    1 
ATOM   141 C  C4    . DG  A 1 7 ? 7.213   -4.681  -1.920  1.00 8.23   ? 7  DG  A C4    1 
HETATM 142 N  N1    . BRU A 1 8 ? 10.718  -5.058  -5.050  1.00 10.13  ? 8  BRU A N1    1 
HETATM 143 C  C2    . BRU A 1 8 ? 10.232  -4.094  -5.933  1.00 10.38  ? 8  BRU A C2    1 
HETATM 144 N  N3    . BRU A 1 8 ? 9.877   -2.852  -5.349  1.00 9.30   ? 8  BRU A N3    1 
HETATM 145 C  C4    . BRU A 1 8 ? 10.012  -2.547  -4.019  1.00 8.64   ? 8  BRU A C4    1 
HETATM 146 C  C5    . BRU A 1 8 ? 10.554  -3.559  -3.138  1.00 7.95   ? 8  BRU A C5    1 
HETATM 147 C  C6    . BRU A 1 8 ? 10.872  -4.765  -3.700  1.00 9.69   ? 8  BRU A C6    1 
HETATM 148 O  O2    . BRU A 1 8 ? 10.090  -4.329  -7.137  1.00 11.77  ? 8  BRU A O2    1 
HETATM 149 O  O4    . BRU A 1 8 ? 9.675   -1.399  -3.589  1.00 9.57   ? 8  BRU A O4    1 
HETATM 150 BR BR    . BRU A 1 8 ? 10.853  -3.234  -1.235  1.00 14.18  ? 8  BRU A BR    1 
HETATM 151 C  "C1'" . BRU A 1 8 ? 11.127  -6.452  -5.598  1.00 12.15  ? 8  BRU A "C1'" 1 
HETATM 152 C  "C2'" . BRU A 1 8 ? 12.498  -6.672  -6.151  1.00 13.15  ? 8  BRU A "C2'" 1 
HETATM 153 C  "C3'" . BRU A 1 8 ? 13.189  -7.438  -4.909  1.00 14.00  ? 8  BRU A "C3'" 1 
HETATM 154 C  "C4'" . BRU A 1 8 ? 11.967  -8.357  -4.355  1.00 12.58  ? 8  BRU A "C4'" 1 
HETATM 155 O  "O3'" . BRU A 1 8 ? 14.277  -8.331  -5.355  1.00 16.74  ? 8  BRU A "O3'" 1 
HETATM 156 O  "O4'" . BRU A 1 8 ? 10.756  -7.434  -4.510  1.00 11.80  ? 8  BRU A "O4'" 1 
HETATM 157 C  "C5'" . BRU A 1 8 ? 12.047  -8.776  -2.822  1.00 12.22  ? 8  BRU A "C5'" 1 
HETATM 158 O  "O5'" . BRU A 1 8 ? 12.316  -7.483  -2.037  1.00 11.03  ? 8  BRU A "O5'" 1 
HETATM 159 P  P     . BRU A 1 8 ? 12.727  -7.541  -0.433  1.00 10.87  ? 8  BRU A P     1 
HETATM 160 O  OP1   . BRU A 1 8 ? 13.729  -8.701  -0.197  1.00 13.21  ? 8  BRU A OP1   1 
HETATM 161 O  OP2   . BRU A 1 8 ? 13.154  -6.126  -0.066  1.00 12.90  ? 8  BRU A OP2   1 
HETATM 162 O  O     . HOH B 2 . ? 0.697   -5.309  5.926   1.00 10.76  ? 9  HOH A O     1 
HETATM 163 O  O     . HOH B 2 . ? 7.562   -0.511  1.056   1.00 19.87  ? 10 HOH A O     1 
HETATM 164 O  O     . HOH B 2 . ? -7.406  2.623   5.177   1.00 13.79  ? 11 HOH A O     1 
HETATM 165 O  O     . HOH B 2 . ? 7.687   -8.261  -3.998  1.00 16.60  ? 12 HOH A O     1 
HETATM 166 O  O     . HOH B 2 . ? 9.448   0.323   -1.235  1.00 17.68  ? 13 HOH A O     1 
HETATM 167 O  O     . HOH B 2 . ? 0.613   1.955   0.391   1.00 20.11  ? 14 HOH A O     1 
HETATM 168 O  O     . HOH B 2 . ? 13.401  -10.175 -7.236  1.00 23.75  ? 15 HOH A O     1 
HETATM 169 O  O     . HOH B 2 . ? 2.400   -5.889  8.141   1.00 19.46  ? 16 HOH A O     1 
HETATM 170 O  O     . HOH B 2 . ? -9.187  6.648   -11.129 1.00 19.88  ? 17 HOH A O     1 
HETATM 171 O  O     . HOH B 2 . ? 13.203  -4.428  2.105   1.00 19.24  ? 18 HOH A O     1 
HETATM 172 O  O     . HOH B 2 . ? -12.564 -1.146  -11.300 1.00 24.04  ? 19 HOH A O     1 
HETATM 173 O  O     . HOH B 2 . ? 7.975   -0.944  3.850   1.00 21.04  ? 20 HOH A O     1 
HETATM 174 O  O     . HOH B 2 . ? 13.165  -10.098 2.149   1.00 37.98  ? 21 HOH A O     1 
HETATM 175 O  O     . HOH B 2 . ? 2.477   3.776   10.512  1.00 49.04  ? 22 HOH A O     1 
HETATM 176 O  O     . HOH B 2 . ? 11.052  -2.495  2.176   1.00 26.50  ? 23 HOH A O     1 
HETATM 177 O  O     . HOH B 2 . ? -2.641  0.228   -2.625  1.00 18.86  ? 24 HOH A O     1 
HETATM 178 O  O     . HOH B 2 . ? -5.160  6.030   -6.003  1.00 62.03  ? 25 HOH A O     1 
HETATM 179 O  O     . HOH B 2 . ? -11.712 -4.375  -3.607  1.00 25.96  ? 26 HOH A O     1 
HETATM 180 O  O     . HOH B 2 . ? 6.082   1.068   -1.429  1.00 46.67  ? 27 HOH A O     1 
HETATM 181 O  O     . HOH B 2 . ? -0.159  4.604   1.448   1.00 24.10  ? 28 HOH A O     1 
HETATM 182 O  O     . HOH B 2 . ? -5.962  1.485   -3.726  1.00 35.21  ? 29 HOH A O     1 
HETATM 183 O  O     . HOH B 2 . ? 10.364  -4.737  -9.716  1.00 28.48  ? 30 HOH A O     1 
HETATM 184 O  O     . HOH B 2 . ? -0.261  0.971   -1.916  1.00 50.47  ? 31 HOH A O     1 
HETATM 185 O  O     . HOH B 2 . ? 0.261   11.630  3.694   1.00 72.10  ? 32 HOH A O     1 
HETATM 186 O  O     . HOH B 2 . ? -11.472 -3.127  -6.054  1.00 40.46  ? 33 HOH A O     1 
HETATM 187 O  O     . HOH B 2 . ? -3.414  4.798   -3.081  1.00 28.77  ? 34 HOH A O     1 
HETATM 188 O  O     . HOH B 2 . ? -1.703  9.817   1.317   1.00 74.10  ? 35 HOH A O     1 
HETATM 189 O  O     . HOH B 2 . ? -0.858  6.583   9.308   1.00 33.93  ? 36 HOH A O     1 
HETATM 190 O  O     . HOH B 2 . ? 5.772   -6.724  9.346   1.00 55.20  ? 37 HOH A O     1 
HETATM 191 O  O     . HOH B 2 . ? -5.766  -1.580  -3.053  1.00 38.37  ? 38 HOH A O     1 
HETATM 192 O  O     . HOH B 2 . ? -2.116  6.623   -1.184  1.00 36.76  ? 39 HOH A O     1 
HETATM 193 O  O     . HOH B 2 . ? -6.851  2.417   -6.079  1.00 47.56  ? 40 HOH A O     1 
HETATM 194 O  O     . HOH B 2 . ? 11.139  -8.690  -8.098  1.00 74.87  ? 41 HOH A O     1 
HETATM 195 O  O     . HOH B 2 . ? -7.494  10.837  4.352   1.00 56.10  ? 42 HOH A O     1 
HETATM 196 O  O     . HOH B 2 . ? 5.503   -3.084  10.549  1.00 38.91  ? 43 HOH A O     1 
HETATM 197 O  O     . HOH B 2 . ? 12.953  -6.272  -10.117 1.00 52.93  ? 44 HOH A O     1 
HETATM 198 O  O     . HOH B 2 . ? -12.234 4.937   0.849   1.00 42.78  ? 45 HOH A O     1 
HETATM 199 O  O     . HOH B 2 . ? 1.113   2.780   3.237   1.00 38.38  ? 46 HOH A O     1 
HETATM 200 O  O     . HOH B 2 . ? -6.840  4.183   -10.409 1.00 62.16  ? 47 HOH A O     1 
HETATM 201 O  O     . HOH B 2 . ? -7.590  8.522   -7.654  1.00 33.71  ? 48 HOH A O     1 
HETATM 202 O  O     . HOH B 2 . ? -9.546  -2.715  -9.213  1.00 87.24  ? 49 HOH A O     1 
HETATM 203 O  O     . HOH B 2 . ? -8.112  -4.161  -3.957  1.00 55.56  ? 50 HOH A O     1 
HETATM 204 O  O     . HOH B 2 . ? 16.377  -10.177 -0.896  1.00 62.68  ? 51 HOH A O     1 
HETATM 205 O  O     . HOH B 2 . ? 6.000   3.052   7.036   1.00 97.49  ? 52 HOH A O     1 
HETATM 206 O  O     . HOH B 2 . ? -11.271 7.571   1.055   1.00 24.75  ? 53 HOH A O     1 
HETATM 207 O  O     . HOH B 2 . ? 0.470   -8.412  8.865   0.50 37.28  ? 54 HOH A O     1 
HETATM 208 O  O     . HOH B 2 . ? -4.568  9.827   4.182   1.00 37.37  ? 55 HOH A O     1 
HETATM 209 O  O     . HOH B 2 . ? 6.013   2.128   1.006   1.00 57.08  ? 56 HOH A O     1 
HETATM 210 O  O     . HOH B 2 . ? 9.608   1.516   3.836   1.00 52.16  ? 57 HOH A O     1 
HETATM 211 O  O     . HOH B 2 . ? 4.091   1.716   3.445   1.00 44.94  ? 58 HOH A O     1 
HETATM 212 O  O     . HOH B 2 . ? -7.834  -1.767  -5.607  1.00 77.28  ? 59 HOH A O     1 
HETATM 213 O  O     . HOH B 2 . ? 3.293   1.809   0.417   1.00 44.41  ? 60 HOH A O     1 
HETATM 214 O  O     . HOH B 2 . ? 8.304   -5.571  9.060   1.00 72.93  ? 61 HOH A O     1 
HETATM 215 O  O     . HOH B 2 . ? 18.796  -9.621  -0.357  1.00 46.43  ? 62 HOH A O     1 
HETATM 216 O  O     . HOH B 2 . ? -7.336  10.968  -9.124  1.00 64.65  ? 63 HOH A O     1 
HETATM 217 O  O     . HOH B 2 . ? -6.720  10.568  -1.435  1.00 84.16  ? 64 HOH A O     1 
HETATM 218 O  O     . HOH B 2 . ? -3.863  8.675   -4.380  1.00 83.67  ? 65 HOH A O     1 
HETATM 219 O  O     . HOH B 2 . ? 15.914  -11.304 2.085   1.00 82.38  ? 66 HOH A O     1 
HETATM 220 O  O     . HOH B 2 . ? 7.515   -7.902  -6.931  1.00 59.84  ? 67 HOH A O     1 
HETATM 221 O  O     . HOH B 2 . ? -9.302  1.261   -9.624  1.00 50.50  ? 68 HOH A O     1 
HETATM 222 O  O     . HOH B 2 . ? -5.922  8.752   5.969   1.00 64.31  ? 69 HOH A O     1 
HETATM 223 O  O     . HOH B 2 . ? 1.295   -7.331  9.936   0.50 31.22  ? 70 HOH A O     1 
HETATM 224 O  O     . HOH B 2 . ? 1.480   5.924   -3.332  1.00 94.50  ? 71 HOH A O     1 
HETATM 225 O  O     . HOH B 2 . ? -2.729  9.117   -10.225 1.00 72.13  ? 72 HOH A O     1 
HETATM 226 O  O     . HOH B 2 . ? 7.787   6.897   1.087   1.00 78.07  ? 73 HOH A O     1 
HETATM 227 O  O     . HOH B 2 . ? -4.112  4.959   -12.585 0.50 103.19 ? 74 HOH A O     1 
HETATM 228 O  O     . HOH B 2 . ? -5.637  9.040   -9.911  1.00 56.87  ? 75 HOH A O     1 
HETATM 229 O  O     . HOH B 2 . ? -0.114  -7.383  11.811  1.00 69.98  ? 76 HOH A O     1 
HETATM 230 O  O     . HOH B 2 . ? -1.762  2.293   -6.287  0.50 26.62  ? 77 HOH A O     1 
HETATM 231 O  O     . HOH B 2 . ? -11.363 -6.391  -7.658  1.00 81.22  ? 78 HOH A O     1 
HETATM 232 O  O     . HOH B 2 . ? -0.657  3.588   -2.741  1.00 68.72  ? 79 HOH A O     1 
HETATM 233 O  O     . HOH B 2 . ? -4.162  11.335  -10.597 0.50 37.41  ? 80 HOH A O     1 
HETATM 234 O  O     . HOH B 2 . ? -4.738  1.987   -11.805 0.50 92.65  ? 81 HOH A O     1 
HETATM 235 O  O     . HOH B 2 . ? 9.461   1.104   10.372  1.00 91.03  ? 82 HOH A O     1 
HETATM 236 O  O     . HOH B 2 . ? 11.026  -1.687  6.852   1.00 110.12 ? 83 HOH A O     1 
HETATM 237 O  O     . HOH B 2 . ? -2.402  9.966   -0.865  1.00 75.03  ? 84 HOH A O     1 
HETATM 238 O  O     . HOH B 2 . ? 16.188  -6.676  1.037   1.00 71.30  ? 85 HOH A O     1 
HETATM 239 O  O     . HOH B 2 . ? 5.040   5.180   1.488   1.00 78.23  ? 86 HOH A O     1 
HETATM 240 O  O     . HOH B 2 . ? 7.353   1.537   12.373  0.50 68.40  ? 87 HOH A O     1 
HETATM 241 O  O     . HOH B 2 . ? 4.418   4.236   -0.510  1.00 91.84  ? 88 HOH A O     1 
HETATM 242 O  O     . HOH B 2 . ? 3.769   -8.645  11.066  1.00 83.04  ? 89 HOH A O     1 
HETATM 243 O  O     . HOH B 2 . ? 3.920   -5.819  11.272  1.00 118.19 ? 90 HOH A O     1 
HETATM 244 O  O     . HOH B 2 . ? 9.703   -0.004  7.681   1.00 86.55  ? 91 HOH A O     1 
HETATM 245 O  O     . HOH B 2 . ? 7.392   3.169   10.448  0.50 86.92  ? 92 HOH A O     1 
HETATM 246 O  O     . HOH B 2 . ? 7.618   -7.540  7.523   1.00 82.43  ? 93 HOH A O     1 
HETATM 247 O  O     . HOH B 2 . ? -11.006 6.977   4.100   1.00 105.80 ? 94 HOH A O     1 
HETATM 248 O  O     . HOH B 2 . ? -0.086  8.522   2.287   1.00 66.10  ? 95 HOH A O     1 
HETATM 249 O  O     . HOH B 2 . ? 0.927   7.872   6.626   1.00 101.78 ? 96 HOH A O     1 
# 
loop_
_atom_site_anisotrop.id 
_atom_site_anisotrop.type_symbol 
_atom_site_anisotrop.pdbx_label_atom_id 
_atom_site_anisotrop.pdbx_label_alt_id 
_atom_site_anisotrop.pdbx_label_comp_id 
_atom_site_anisotrop.pdbx_label_asym_id 
_atom_site_anisotrop.pdbx_label_seq_id 
_atom_site_anisotrop.pdbx_PDB_ins_code 
_atom_site_anisotrop.U[1][1] 
_atom_site_anisotrop.U[2][2] 
_atom_site_anisotrop.U[3][3] 
_atom_site_anisotrop.U[1][2] 
_atom_site_anisotrop.U[1][3] 
_atom_site_anisotrop.U[2][3] 
_atom_site_anisotrop.pdbx_auth_seq_id 
_atom_site_anisotrop.pdbx_auth_comp_id 
_atom_site_anisotrop.pdbx_auth_asym_id 
_atom_site_anisotrop.pdbx_auth_atom_id 
1   O  "O5'" . DA  A 1 ? 0.2001 0.2072 0.1145 0.0487  0.0378  0.0028  1  DA  A "O5'" 
2   C  "C5'" . DA  A 1 ? 0.1826 0.2220 0.0837 0.0477  0.0130  -0.0122 1  DA  A "C5'" 
3   C  "C4'" . DA  A 1 ? 0.1176 0.1912 0.0929 0.0069  0.0145  -0.0132 1  DA  A "C4'" 
4   O  "O4'" . DA  A 1 ? 0.0968 0.1825 0.0801 0.0042  -0.0157 -0.0004 1  DA  A "O4'" 
5   C  "C3'" . DA  A 1 ? 0.1187 0.1408 0.1040 -0.0088 0.0094  0.0115  1  DA  A "C3'" 
6   O  "O3'" . DA  A 1 ? 0.1414 0.1618 0.1387 -0.0169 0.0105  0.0364  1  DA  A "O3'" 
7   C  "C2'" . DA  A 1 ? 0.1072 0.1368 0.1032 -0.0094 -0.0004 -0.0087 1  DA  A "C2'" 
8   C  "C1'" . DA  A 1 ? 0.0823 0.1408 0.0841 0.0020  -0.0150 0.0087  1  DA  A "C1'" 
9   N  N9    . DA  A 1 ? 0.0888 0.1330 0.0840 0.0160  0.0160  0.0069  1  DA  A N9    
10  C  C8    . DA  A 1 ? 0.1322 0.1211 0.0941 0.0071  0.0254  0.0065  1  DA  A C8    
11  N  N7    . DA  A 1 ? 0.1416 0.1135 0.1015 0.0026  0.0223  0.0090  1  DA  A N7    
12  C  C5    . DA  A 1 ? 0.0893 0.1199 0.0969 0.0015  0.0293  0.0157  1  DA  A C5    
13  C  C6    . DA  A 1 ? 0.0955 0.1025 0.1024 -0.0090 0.0178  0.0147  1  DA  A C6    
14  N  N6    . DA  A 1 ? 0.0895 0.1118 0.1093 0.0056  -0.0056 0.0027  1  DA  A N6    
15  N  N1    . DA  A 1 ? 0.0996 0.1203 0.0990 0.0058  0.0090  0.0044  1  DA  A N1    
16  C  C2    . DA  A 1 ? 0.0858 0.1208 0.0840 0.0031  -0.0147 -0.0020 1  DA  A C2    
17  N  N3    . DA  A 1 ? 0.1152 0.1152 0.0848 -0.0044 0.0039  -0.0047 1  DA  A N3    
18  C  C4    . DA  A 1 ? 0.1058 0.1208 0.0899 0.0019  0.0311  0.0174  1  DA  A C4    
19  P  P     . DC  A 2 ? 0.1305 0.2261 0.1513 -0.0255 0.0203  0.0483  2  DC  A P     
20  O  OP1   . DC  A 2 ? 0.1431 0.2754 0.2019 -0.0479 0.0294  0.0839  2  DC  A OP1   
21  O  OP2   . DC  A 2 ? 0.1315 0.2580 0.1939 -0.0035 0.0230  0.0128  2  DC  A OP2   
22  O  "O5'" . DC  A 2 ? 0.1445 0.2015 0.1561 -0.0157 -0.0025 0.0383  2  DC  A "O5'" 
23  C  "C5'" . DC  A 2 ? 0.1551 0.1667 0.1389 -0.0251 -0.0239 0.0581  2  DC  A "C5'" 
24  C  "C4'" . DC  A 2 ? 0.1391 0.1534 0.1382 -0.0118 -0.0247 0.0552  2  DC  A "C4'" 
25  O  "O4'" . DC  A 2 ? 0.1298 0.1693 0.1073 -0.0202 -0.0246 0.0388  2  DC  A "O4'" 
26  C  "C3'" . DC  A 2 ? 0.1357 0.1787 0.1486 -0.0301 -0.0315 0.0649  2  DC  A "C3'" 
27  O  "O3'" . DC  A 2 ? 0.1554 0.1798 0.1610 -0.0399 -0.0313 0.0600  2  DC  A "O3'" 
28  C  "C2'" . DC  A 2 ? 0.1084 0.1850 0.1277 -0.0229 -0.0357 0.0435  2  DC  A "C2'" 
29  C  "C1'" . DC  A 2 ? 0.1323 0.1529 0.1167 -0.0221 -0.0329 0.0408  2  DC  A "C1'" 
30  N  N1    . DC  A 2 ? 0.1388 0.1669 0.1135 0.0002  -0.0058 0.0349  2  DC  A N1    
31  C  C2    . DC  A 2 ? 0.1483 0.1399 0.1114 -0.0019 0.0164  0.0208  2  DC  A C2    
32  O  O2    . DC  A 2 ? 0.1543 0.1163 0.1042 -0.0015 -0.0147 0.0154  2  DC  A O2    
33  N  N3    . DC  A 2 ? 0.1040 0.1416 0.0995 -0.0112 0.0018  0.0090  2  DC  A N3    
34  C  C4    . DC  A 2 ? 0.1197 0.1694 0.1099 0.0191  0.0162  0.0132  2  DC  A C4    
35  N  N4    . DC  A 2 ? 0.1135 0.1636 0.1650 0.0118  0.0107  -0.0045 2  DC  A N4    
36  C  C5    . DC  A 2 ? 0.1263 0.2042 0.1114 0.0052  0.0106  0.0255  2  DC  A C5    
37  C  C6    . DC  A 2 ? 0.0833 0.2073 0.1102 0.0126  -0.0075 0.0436  2  DC  A C6    
38  P  P     . DG  A 3 ? 0.1537 0.1984 0.1659 -0.0452 -0.0305 0.0606  3  DG  A P     
39  O  OP1   . DG  A 3 ? 0.2101 0.2176 0.2448 -0.0851 -0.0841 0.1299  3  DG  A OP1   
40  O  OP2   . DG  A 3 ? 0.1649 0.2962 0.1793 -0.0288 -0.0078 0.0098  3  DG  A OP2   
41  O  "O5'" . DG  A 3 ? 0.1594 0.1489 0.1581 -0.0275 -0.0290 0.0548  3  DG  A "O5'" 
42  C  "C5'" . DG  A 3 ? 0.1583 0.1356 0.1644 -0.0192 -0.0333 0.0596  3  DG  A "C5'" 
43  C  "C4'" . DG  A 3 ? 0.1426 0.1331 0.1521 -0.0320 -0.0438 0.0425  3  DG  A "C4'" 
44  O  "O4'" . DG  A 3 ? 0.1226 0.1249 0.1322 -0.0173 -0.0119 0.0309  3  DG  A "O4'" 
45  C  "C3'" . DG  A 3 ? 0.1531 0.1091 0.1367 -0.0248 -0.0498 0.0241  3  DG  A "C3'" 
46  O  "O3'" . DG  A 3 ? 0.1523 0.0910 0.1556 -0.0190 -0.0524 0.0196  3  DG  A "O3'" 
47  C  "C2'" . DG  A 3 ? 0.1337 0.1115 0.1361 -0.0296 -0.0352 0.0144  3  DG  A "C2'" 
48  C  "C1'" . DG  A 3 ? 0.1380 0.1185 0.1131 -0.0160 -0.0297 0.0145  3  DG  A "C1'" 
49  N  N9    . DG  A 3 ? 0.1635 0.1091 0.1040 -0.0304 -0.0296 0.0228  3  DG  A N9    
50  C  C8    . DG  A 3 ? 0.1271 0.1210 0.1073 -0.0396 -0.0176 0.0200  3  DG  A C8    
51  N  N7    . DG  A 3 ? 0.1191 0.1312 0.1182 -0.0069 -0.0127 0.0166  3  DG  A N7    
52  C  C5    . DG  A 3 ? 0.1010 0.1279 0.1220 -0.0070 -0.0061 0.0182  3  DG  A C5    
53  C  C6    . DG  A 3 ? 0.0655 0.1438 0.1103 0.0318  0.0246  0.0149  3  DG  A C6    
54  O  O6    . DG  A 3 ? 0.0942 0.1402 0.1263 -0.0007 0.0050  -0.0007 3  DG  A O6    
55  N  N1    . DG  A 3 ? 0.0849 0.1166 0.1136 -0.0085 0.0052  0.0112  3  DG  A N1    
56  C  C2    . DG  A 3 ? 0.0939 0.0989 0.1068 -0.0085 -0.0010 0.0179  3  DG  A C2    
57  N  N2    . DG  A 3 ? 0.0971 0.1014 0.1076 0.0009  0.0106  0.0174  3  DG  A N2    
58  N  N3    . DG  A 3 ? 0.0873 0.1057 0.1232 0.0064  -0.0084 0.0254  3  DG  A N3    
59  C  C4    . DG  A 3 ? 0.1106 0.1137 0.1188 -0.0074 -0.0164 0.0235  3  DG  A C4    
60  P  P     . DT  A 4 ? 0.1589 0.1219 0.1781 -0.0194 -0.0512 0.0078  4  DT  A P     
61  O  OP1   . DT  A 4 ? 0.1667 0.1306 0.2549 -0.0367 -0.0668 -0.0095 4  DT  A OP1   
62  O  OP2   . DT  A 4 ? 0.1528 0.1500 0.1770 -0.0440 -0.0187 0.0369  4  DT  A OP2   
63  O  "O5'" . DT  A 4 ? 0.1369 0.1203 0.1256 0.0044  -0.0460 -0.0141 4  DT  A "O5'" 
64  C  "C5'" . DT  A 4 ? 0.1441 0.1078 0.1359 0.0275  -0.0401 -0.0239 4  DT  A "C5'" 
65  C  "C4'" . DT  A 4 ? 0.1396 0.1059 0.1401 0.0235  -0.0256 -0.0165 4  DT  A "C4'" 
66  O  "O4'" . DT  A 4 ? 0.1170 0.1105 0.1221 0.0234  -0.0040 -0.0261 4  DT  A "O4'" 
67  C  "C3'" . DT  A 4 ? 0.1279 0.1196 0.1338 0.0182  -0.0182 0.0146  4  DT  A "C3'" 
68  O  "O3'" . DT  A 4 ? 0.1358 0.1453 0.1573 0.0186  -0.0227 -0.0209 4  DT  A "O3'" 
69  C  "C2'" . DT  A 4 ? 0.1548 0.1161 0.1160 0.0322  -0.0475 0.0032  4  DT  A "C2'" 
70  C  "C1'" . DT  A 4 ? 0.1399 0.1129 0.1101 0.0342  -0.0231 -0.0222 4  DT  A "C1'" 
71  N  N1    . DT  A 4 ? 0.1032 0.1143 0.0941 0.0299  -0.0113 -0.0056 4  DT  A N1    
72  C  C2    . DT  A 4 ? 0.1080 0.1034 0.0798 0.0056  0.0228  0.0037  4  DT  A C2    
73  O  O2    . DT  A 4 ? 0.0824 0.1061 0.0880 0.0121  -0.0051 -0.0030 4  DT  A O2    
74  N  N3    . DT  A 4 ? 0.0978 0.1206 0.0817 0.0008  0.0210  0.0017  4  DT  A N3    
75  C  C4    . DT  A 4 ? 0.0794 0.1096 0.0794 -0.0029 0.0183  0.0021  4  DT  A C4    
76  O  O4    . DT  A 4 ? 0.1313 0.1180 0.0774 -0.0158 0.0045  0.0008  4  DT  A O4    
77  C  C5    . DT  A 4 ? 0.1376 0.1177 0.0974 0.0193  -0.0063 -0.0007 4  DT  A C5    
78  C  C7    . DT  A 4 ? 0.1118 0.1085 0.1151 0.0098  -0.0003 0.0080  4  DT  A C7    
79  C  C6    . DT  A 4 ? 0.1229 0.0970 0.1109 0.0341  0.0086  -0.0020 4  DT  A C6    
80  P  P     . DA  A 5 ? 0.1431 0.1694 0.2262 0.0089  -0.0251 -0.0347 5  DA  A P     
81  O  OP1   . DA  A 5 ? 0.2246 0.1576 0.3374 -0.0608 -0.0877 -0.0570 5  DA  A OP1   
82  O  OP2   . DA  A 5 ? 0.1769 0.2530 0.3035 0.0260  0.0506  0.0408  5  DA  A OP2   
83  O  "O5'" . DA  A 5 ? 0.1256 0.1609 0.1786 0.0263  -0.0236 -0.0583 5  DA  A "O5'" 
84  C  "C5'" . DA  A 5 ? 0.1465 0.1477 0.1708 -0.0014 0.0214  -0.0332 5  DA  A "C5'" 
85  C  "C4'" . DA  A 5 ? 0.0947 0.1480 0.1382 0.0172  0.0019  -0.0225 5  DA  A "C4'" 
86  O  "O4'" . DA  A 5 ? 0.0920 0.1265 0.1145 0.0338  -0.0041 -0.0199 5  DA  A "O4'" 
87  C  "C3'" . DA  A 5 ? 0.0948 0.1781 0.1343 0.0290  -0.0028 -0.0406 5  DA  A "C3'" 
88  O  "O3'" . DA  A 5 ? 0.1082 0.2197 0.1487 0.0488  -0.0178 -0.0722 5  DA  A "O3'" 
89  C  "C2'" . DA  A 5 ? 0.0885 0.1461 0.1112 0.0455  -0.0030 -0.0037 5  DA  A "C2'" 
90  C  "C1'" . DA  A 5 ? 0.0937 0.1244 0.0951 0.0336  0.0041  -0.0064 5  DA  A "C1'" 
91  N  N9    . DA  A 5 ? 0.1018 0.1275 0.0990 0.0078  -0.0179 0.0005  5  DA  A N9    
92  C  C8    . DA  A 5 ? 0.0813 0.1229 0.1039 0.0018  -0.0189 0.0001  5  DA  A C8    
93  N  N7    . DA  A 5 ? 0.0923 0.1307 0.0968 0.0008  0.0055  0.0042  5  DA  A N7    
94  C  C5    . DA  A 5 ? 0.0896 0.1301 0.0948 0.0179  0.0087  -0.0039 5  DA  A C5    
95  C  C6    . DA  A 5 ? 0.1093 0.1464 0.0947 0.0101  0.0090  -0.0072 5  DA  A C6    
96  N  N6    . DA  A 5 ? 0.0991 0.1452 0.0999 -0.0049 -0.0072 -0.0090 5  DA  A N6    
97  N  N1    . DA  A 5 ? 0.0707 0.1428 0.0765 -0.0119 0.0086  -0.0151 5  DA  A N1    
98  C  C2    . DA  A 5 ? 0.0616 0.1440 0.0808 -0.0185 0.0117  -0.0101 5  DA  A C2    
99  N  N3    . DA  A 5 ? 0.0927 0.1300 0.0790 -0.0036 -0.0065 -0.0037 5  DA  A N3    
100 C  C4    . DA  A 5 ? 0.0923 0.1252 0.0989 -0.0041 -0.0058 -0.0014 5  DA  A C4    
101 P  P     . DC  A 6 ? 0.1028 0.2123 0.1836 0.0143  -0.0147 -0.0628 6  DC  A P     
102 O  OP1   . DC  A 6 ? 0.1206 0.2616 0.2201 0.0200  -0.0515 -0.0913 6  DC  A OP1   
103 O  OP2   . DC  A 6 ? 0.1624 0.1956 0.2318 -0.0002 0.0082  -0.0552 6  DC  A OP2   
104 O  "O5'" . DC  A 6 ? 0.0867 0.1955 0.1477 0.0267  0.0029  -0.0420 6  DC  A "O5'" 
105 C  "C5'" . DC  A 6 ? 0.1531 0.2086 0.1428 0.0228  -0.0030 -0.0295 6  DC  A "C5'" 
106 C  "C4'" . DC  A 6 ? 0.1219 0.1879 0.1281 0.0379  0.0103  -0.0126 6  DC  A "C4'" 
107 O  "O4'" . DC  A 6 ? 0.0996 0.1717 0.1149 0.0282  0.0270  -0.0034 6  DC  A "O4'" 
108 C  "C3'" . DC  A 6 ? 0.0982 0.1825 0.1527 0.0206  0.0108  -0.0181 6  DC  A "C3'" 
109 O  "O3'" . DC  A 6 ? 0.1137 0.2107 0.1585 0.0321  -0.0036 -0.0391 6  DC  A "O3'" 
110 C  "C2'" . DC  A 6 ? 0.0894 0.1505 0.1341 0.0380  0.0132  -0.0098 6  DC  A "C2'" 
111 C  "C1'" . DC  A 6 ? 0.0885 0.1388 0.1184 0.0201  0.0288  0.0026  6  DC  A "C1'" 
112 N  N1    . DC  A 6 ? 0.0889 0.1112 0.1186 0.0103  0.0098  -0.0091 6  DC  A N1    
113 C  C2    . DC  A 6 ? 0.0730 0.1249 0.1200 -0.0241 0.0105  -0.0072 6  DC  A C2    
114 O  O2    . DC  A 6 ? 0.1141 0.1337 0.0958 -0.0064 -0.0087 -0.0110 6  DC  A O2    
115 N  N3    . DC  A 6 ? 0.0832 0.1294 0.1052 0.0002  0.0083  -0.0179 6  DC  A N3    
116 C  C4    . DC  A 6 ? 0.0911 0.1249 0.1290 -0.0057 0.0255  -0.0102 6  DC  A C4    
117 N  N4    . DC  A 6 ? 0.0612 0.1423 0.1588 -0.0108 0.0146  0.0132  6  DC  A N4    
118 C  C5    . DC  A 6 ? 0.0625 0.1033 0.1430 -0.0176 0.0165  -0.0223 6  DC  A C5    
119 C  C6    . DC  A 6 ? 0.0786 0.1228 0.1302 -0.0097 0.0158  -0.0211 6  DC  A C6    
120 P  P     . DG  A 7 ? 0.1067 0.1964 0.1491 0.0147  -0.0220 -0.0494 7  DG  A P     
121 O  OP1   . DG  A 7 ? 0.1224 0.2887 0.1586 0.0222  -0.0485 -0.0479 7  DG  A OP1   
122 O  OP2   . DG  A 7 ? 0.1472 0.1838 0.2307 0.0013  -0.0019 -0.0808 7  DG  A OP2   
123 O  "O5'" . DG  A 7 ? 0.1339 0.1414 0.1280 0.0145  -0.0142 -0.0136 7  DG  A "O5'" 
124 C  "C5'" . DG  A 7 ? 0.1596 0.1363 0.0936 0.0022  -0.0178 0.0107  7  DG  A "C5'" 
125 C  "C4'" . DG  A 7 ? 0.1105 0.1408 0.0926 0.0064  -0.0058 0.0079  7  DG  A "C4'" 
126 O  "O4'" . DG  A 7 ? 0.1082 0.1447 0.0927 0.0053  0.0025  0.0205  7  DG  A "O4'" 
127 C  "C3'" . DG  A 7 ? 0.1090 0.1223 0.1000 0.0261  -0.0027 0.0192  7  DG  A "C3'" 
128 O  "O3'" . DG  A 7 ? 0.1070 0.1023 0.1195 0.0209  -0.0004 0.0111  7  DG  A "O3'" 
129 C  "C2'" . DG  A 7 ? 0.1016 0.1500 0.0940 0.0179  0.0018  0.0074  7  DG  A "C2'" 
130 C  "C1'" . DG  A 7 ? 0.1064 0.1186 0.0887 0.0036  0.0021  0.0109  7  DG  A "C1'" 
131 N  N9    . DG  A 7 ? 0.0964 0.1141 0.0857 -0.0063 0.0043  0.0007  7  DG  A N9    
132 C  C8    . DG  A 7 ? 0.0889 0.1282 0.1030 0.0173  0.0194  -0.0042 7  DG  A C8    
133 N  N7    . DG  A 7 ? 0.1194 0.1183 0.1241 0.0017  0.0446  0.0164  7  DG  A N7    
134 C  C5    . DG  A 7 ? 0.0941 0.1179 0.1229 -0.0315 0.0096  0.0246  7  DG  A C5    
135 C  C6    . DG  A 7 ? 0.1280 0.0966 0.1443 -0.0553 0.0007  0.0305  7  DG  A C6    
136 O  O6    . DG  A 7 ? 0.1030 0.1390 0.1369 0.0192  0.0116  0.0269  7  DG  A O6    
137 N  N1    . DG  A 7 ? 0.0963 0.1214 0.1381 -0.0303 -0.0292 0.0308  7  DG  A N1    
138 C  C2    . DG  A 7 ? 0.1123 0.1280 0.1016 -0.0211 -0.0373 0.0200  7  DG  A C2    
139 N  N2    . DG  A 7 ? 0.1098 0.1681 0.0965 -0.0243 -0.0241 0.0160  7  DG  A N2    
140 N  N3    . DG  A 7 ? 0.0987 0.1204 0.0931 -0.0357 -0.0149 0.0304  7  DG  A N3    
141 C  C4    . DG  A 7 ? 0.0926 0.1213 0.0989 -0.0213 -0.0092 0.0234  7  DG  A C4    
142 N  N1    . BRU A 8 ? 0.1551 0.1329 0.0968 0.0217  0.0500  0.0098  8  BRU A N1    
143 C  C2    . BRU A 8 ? 0.1366 0.1503 0.1073 0.0162  0.0179  0.0142  8  BRU A C2    
144 N  N3    . BRU A 8 ? 0.1094 0.1478 0.0960 0.0212  0.0162  0.0259  8  BRU A N3    
145 C  C4    . BRU A 8 ? 0.1065 0.1173 0.1045 -0.0074 0.0074  0.0232  8  BRU A C4    
146 C  C5    . BRU A 8 ? 0.0949 0.1270 0.0801 0.0084  0.0018  0.0082  8  BRU A C5    
147 C  C6    . BRU A 8 ? 0.1555 0.1173 0.0952 0.0021  0.0366  0.0221  8  BRU A C6    
148 O  O2    . BRU A 8 ? 0.1940 0.1409 0.1124 0.0145  0.0301  0.0185  8  BRU A O2    
149 O  O4    . BRU A 8 ? 0.1194 0.1314 0.1130 0.0116  0.0014  0.0181  8  BRU A O4    
150 BR BR    . BRU A 8 ? 0.1708 0.1701 0.1980 -0.0111 -0.0070 0.0136  8  BRU A BR    
151 C  "C1'" . BRU A 8 ? 0.2054 0.1339 0.1221 0.0184  0.0713  0.0058  8  BRU A "C1'" 
152 C  "C2'" . BRU A 8 ? 0.2029 0.1623 0.1345 0.0334  0.0826  0.0133  8  BRU A "C2'" 
153 C  "C3'" . BRU A 8 ? 0.1942 0.1903 0.1474 0.0120  0.0575  0.0172  8  BRU A "C3'" 
154 C  "C4'" . BRU A 8 ? 0.2065 0.1363 0.1351 0.0122  0.0497  0.0081  8  BRU A "C4'" 
155 O  "O3'" . BRU A 8 ? 0.1922 0.1943 0.2497 0.0312  0.0577  0.0258  8  BRU A "O3'" 
156 O  "O4'" . BRU A 8 ? 0.1908 0.1344 0.1230 0.0003  0.0496  0.0135  8  BRU A "O4'" 
157 C  "C5'" . BRU A 8 ? 0.2064 0.1188 0.1391 0.0099  0.0389  0.0063  8  BRU A "C5'" 
158 O  "O5'" . BRU A 8 ? 0.1672 0.1106 0.1414 0.0042  0.0370  0.0201  8  BRU A "O5'" 
159 P  P     . BRU A 8 ? 0.1147 0.1408 0.1576 0.0089  0.0161  0.0122  8  BRU A P     
160 O  OP1   . BRU A 8 ? 0.1248 0.1923 0.1849 0.0441  0.0319  0.0356  8  BRU A OP1   
161 O  OP2   . BRU A 8 ? 0.1379 0.1603 0.1921 -0.0250 -0.0078 0.0110  8  BRU A OP2   
162 O  O     . HOH B . ? 0.1111 0.1582 0.1395 0.0155  -0.0093 0.0022  9  HOH A O     
163 O  O     . HOH B . ? 0.2998 0.2294 0.2256 -0.0395 0.0020  -0.0679 10 HOH A O     
164 O  O     . HOH B . ? 0.1621 0.1754 0.1864 0.0389  -0.0197 -0.0201 11 HOH A O     
165 O  O     . HOH B . ? 0.2080 0.2028 0.2198 -0.0365 -0.0245 -0.0082 12 HOH A O     
166 O  O     . HOH B . ? 0.2059 0.1860 0.2797 0.0369  0.0096  -0.0592 13 HOH A O     
167 O  O     . HOH B . ? 0.1900 0.2520 0.3221 -0.0473 0.0130  0.1240  14 HOH A O     
168 O  O     . HOH B . ? 0.4755 0.1853 0.2416 0.1049  -0.0491 -0.0015 15 HOH A O     
169 O  O     . HOH B . ? 0.2234 0.3479 0.1681 0.0803  -0.0546 -0.0132 16 HOH A O     
170 O  O     . HOH B . ? 0.2693 0.2753 0.2108 0.0494  -0.0438 0.0208  17 HOH A O     
171 O  O     . HOH B . ? 0.1956 0.2882 0.2471 0.0118  0.0278  -0.0867 18 HOH A O     
172 O  O     . HOH B . ? 0.2829 0.2457 0.3848 -0.0402 -0.0076 0.0915  19 HOH A O     
173 O  O     . HOH B . ? 0.1685 0.3391 0.2917 0.0071  0.0354  -0.0224 20 HOH A O     
174 O  O     . HOH B . ? 0.4081 0.2968 0.7380 -0.0456 -0.0680 0.3231  21 HOH A O     
175 O  O     . HOH B . ? 0.5247 1.0277 0.3107 -0.3497 -0.2005 0.1205  22 HOH A O     
176 O  O     . HOH B . ? 0.3264 0.2961 0.3842 -0.1040 0.0502  -0.0612 23 HOH A O     
177 O  O     . HOH B . ? 0.3479 0.2118 0.1570 0.0374  0.0657  0.0761  24 HOH A O     
178 O  O     . HOH B . ? 0.6703 1.1074 0.5792 -0.4841 -0.2080 0.2122  25 HOH A O     
179 O  O     . HOH B . ? 0.2918 0.2776 0.4169 0.0733  -0.0358 -0.1082 26 HOH A O     
180 O  O     . HOH B . ? 1.0471 0.2604 0.4656 0.0124  0.4497  -0.1010 27 HOH A O     
181 O  O     . HOH B . ? 0.2301 0.2320 0.4535 0.0118  -0.0385 -0.0512 28 HOH A O     
182 O  O     . HOH B . ? 0.1579 0.9276 0.2525 -0.0740 0.0272  0.1514  29 HOH A O     
183 O  O     . HOH B . ? 0.6501 0.2047 0.2272 -0.0604 0.2209  0.0287  30 HOH A O     
184 O  O     . HOH B . ? 0.7765 0.2560 0.8849 0.0471  0.4365  -0.0059 31 HOH A O     
185 O  O     . HOH B . ? 0.2390 2.2007 0.2999 -0.2607 0.0390  0.3639  32 HOH A O     
186 O  O     . HOH B . ? 0.5677 0.3870 0.5827 0.2889  0.0374  0.0331  33 HOH A O     
187 O  O     . HOH B . ? 0.2928 0.2919 0.5082 0.0190  -0.0969 0.0212  34 HOH A O     
188 O  O     . HOH B . ? 1.9251 0.4978 0.3927 -0.6011 0.3548  -0.1024 35 HOH A O     
189 O  O     . HOH B . ? 0.3869 0.3172 0.5849 0.1337  -0.2181 -0.2459 36 HOH A O     
190 O  O     . HOH B . ? 0.5772 0.5267 0.9934 0.0692  0.3402  0.2373  37 HOH A O     
191 O  O     . HOH B . ? 0.3917 0.8561 0.2100 0.3007  0.0908  0.1030  38 HOH A O     
192 O  O     . HOH B . ? 0.3942 0.7032 0.2993 -0.0813 0.0953  0.1347  39 HOH A O     
193 O  O     . HOH B . ? 0.3589 1.1730 0.2751 0.2236  0.0594  0.3077  40 HOH A O     
194 O  O     . HOH B . ? 0.7181 0.4411 1.6855 -0.3206 0.7584  -0.6580 41 HOH A O     
195 O  O     . HOH B . ? 0.6608 0.8198 0.6511 0.0466  0.0342  0.4086  42 HOH A O     
196 O  O     . HOH B . ? 0.2738 0.9304 0.2744 0.2427  -0.0625 -0.1193 43 HOH A O     
197 O  O     . HOH B . ? 0.8713 0.4500 0.6899 0.1749  0.6332  0.0270  44 HOH A O     
198 O  O     . HOH B . ? 1.0657 0.2697 0.2904 0.2874  0.3613  0.0668  45 HOH A O     
199 O  O     . HOH B . ? 0.3910 0.6965 0.3707 0.1104  -0.0173 -0.0861 46 HOH A O     
200 O  O     . HOH B . ? 0.3236 0.4011 1.6373 -0.0658 0.2991  -0.3380 47 HOH A O     
201 O  O     . HOH B . ? 0.2735 0.6921 0.3152 -0.2122 -0.0476 0.1362  48 HOH A O     
202 O  O     . HOH B . ? 0.8139 1.9281 0.5728 0.3307  -0.2145 -0.6734 49 HOH A O     
203 O  O     . HOH B . ? 0.8024 0.3769 0.9317 0.1109  0.0441  0.1421  50 HOH A O     
204 O  O     . HOH B . ? 0.6086 1.3418 0.4310 0.0045  -0.1118 0.2160  51 HOH A O     
205 O  O     . HOH B . ? 2.0278 0.6839 0.9924 0.3888  -0.8921 0.0036  52 HOH A O     
206 O  O     . HOH B . ? 0.4427 0.3241 0.1735 -0.0077 -0.0198 -0.0138 53 HOH A O     
207 O  O     . HOH B . ? 0.2438 0.7313 0.4414 -0.0485 -0.0320 0.3195  54 HOH A O     
208 O  O     . HOH B . ? 0.3278 0.2999 0.7921 -0.0421 0.0802  -0.1429 55 HOH A O     
209 O  O     . HOH B . ? 0.6632 0.5966 0.9091 0.3154  0.4261  0.3843  56 HOH A O     
210 O  O     . HOH B . ? 0.4891 0.6965 0.7964 -0.2546 0.2121  0.1070  57 HOH A O     
211 O  O     . HOH B . ? 0.8512 0.4951 0.3612 0.1032  0.2013  -0.1492 58 HOH A O     
212 O  O     . HOH B . ? 1.4946 1.2607 0.1809 0.9717  -0.0329 -0.0584 59 HOH A O     
213 O  O     . HOH B . ? 0.2844 0.2880 1.1151 0.0175  0.2008  -0.1463 60 HOH A O     
214 O  O     . HOH B . ? 1.1718 0.7642 0.8351 -0.2584 -0.7080 0.3887  61 HOH A O     
215 O  O     . HOH B . ? 0.6599 0.5978 0.5067 -0.0866 -0.2288 -0.2989 62 HOH A O     
216 O  O     . HOH B . ? 0.3638 1.4689 0.6236 -0.1306 -0.2474 0.3610  63 HOH A O     
217 O  O     . HOH B . ? 0.7148 0.2658 2.2172 0.2148  -0.0997 0.0744  64 HOH A O     
218 O  O     . HOH B . ? 0.5443 0.6688 1.9660 0.1545  0.1779  0.6204  65 HOH A O     
219 O  O     . HOH B . ? 1.8570 0.4747 0.7983 0.6028  -0.8964 -0.3145 66 HOH A O     
220 O  O     . HOH B . ? 0.4533 0.1889 1.6315 0.1197  -0.1456 -0.1783 67 HOH A O     
221 O  O     . HOH B . ? 0.9007 0.3695 0.6486 0.1500  0.0730  -0.2315 68 HOH A O     
222 O  O     . HOH B . ? 0.8713 0.2497 1.3227 0.0940  0.2404  0.1911  69 HOH A O     
223 O  O     . HOH B . ? 0.5437 0.4095 0.2330 0.0514  -0.1671 0.0588  70 HOH A O     
224 O  O     . HOH B . ? 0.7117 2.5389 0.3402 -0.4750 0.2507  0.0580  71 HOH A O     
225 O  O     . HOH B . ? 0.8211 0.7197 1.1995 -0.2732 -0.6161 0.1662  72 HOH A O     
226 O  O     . HOH B . ? 1.3257 0.4856 1.1551 -0.1243 -0.6164 -0.1408 73 HOH A O     
227 O  O     . HOH B . ? 0.5763 2.3845 0.9599 0.6300  -0.0915 -0.8595 74 HOH A O     
228 O  O     . HOH B . ? 0.5214 1.0411 0.5983 0.0849  0.0305  0.2407  75 HOH A O     
229 O  O     . HOH B . ? 0.4667 1.5278 0.6647 -0.1007 0.2487  -0.4071 76 HOH A O     
230 O  O     . HOH B . ? 0.4065 0.3470 0.2581 0.1889  0.0986  0.0229  77 HOH A O     
231 O  O     . HOH B . ? 0.6963 1.1940 1.1956 -0.1175 0.0209  0.6954  78 HOH A O     
232 O  O     . HOH B . ? 1.2635 0.5955 0.7522 0.2464  0.4157  0.2622  79 HOH A O     
233 O  O     . HOH B . ? 0.4551 0.5650 0.4013 0.0218  0.0633  -0.1672 80 HOH A O     
234 O  O     . HOH B . ? 1.4231 1.0026 1.0945 -0.6272 -0.1484 -0.7176 81 HOH A O     
235 O  O     . HOH B . ? 1.1830 0.2723 2.0036 0.1314  0.5511  -0.3090 82 HOH A O     
236 O  O     . HOH B . ? 0.4013 1.2218 2.5609 -0.4548 0.4084  -1.2505 83 HOH A O     
237 O  O     . HOH B . ? 1.6101 0.5151 0.7255 0.1988  -0.1579 0.3199  84 HOH A O     
238 O  O     . HOH B . ? 0.4109 1.0897 1.2084 -0.1078 0.0983  -0.8512 85 HOH A O     
239 O  O     . HOH B . ? 1.1659 0.4001 1.4065 0.2334  0.0890  0.3210  86 HOH A O     
240 O  O     . HOH B . ? 0.1341 0.5972 1.8678 -0.1869 -0.3038 0.6032  87 HOH A O     
241 O  O     . HOH B . ? 0.6771 0.5984 2.2140 -0.3667 0.5038  -0.7541 88 HOH A O     
242 O  O     . HOH B . ? 0.5992 0.5756 1.9805 -0.3557 0.4480  -0.4653 89 HOH A O     
243 O  O     . HOH B . ? 2.2770 0.2919 1.9218 0.3303  -0.0121 0.0944  90 HOH A O     
244 O  O     . HOH B . ? 0.3874 1.9378 0.9633 0.1344  -0.0900 -1.0079 91 HOH A O     
245 O  O     . HOH B . ? 0.7236 0.8155 1.7638 -0.2167 0.2223  -0.9393 92 HOH A O     
246 O  O     . HOH B . ? 0.4379 0.9106 1.7833 -0.0352 -0.6116 -0.0142 93 HOH A O     
247 O  O     . HOH B . ? 0.4742 1.4750 2.0707 0.2497  0.6032  0.6610  94 HOH A O     
248 O  O     . HOH B . ? 0.9598 1.0942 0.4576 -0.5854 -0.0524 0.3409  95 HOH A O     
249 O  O     . HOH B . ? 0.6059 2.0520 1.2093 -0.9121 -0.2102 0.1241  96 HOH A O     
# 
loop_
_pdbx_poly_seq_scheme.asym_id 
_pdbx_poly_seq_scheme.entity_id 
_pdbx_poly_seq_scheme.seq_id 
_pdbx_poly_seq_scheme.mon_id 
_pdbx_poly_seq_scheme.ndb_seq_num 
_pdbx_poly_seq_scheme.pdb_seq_num 
_pdbx_poly_seq_scheme.auth_seq_num 
_pdbx_poly_seq_scheme.pdb_mon_id 
_pdbx_poly_seq_scheme.auth_mon_id 
_pdbx_poly_seq_scheme.pdb_strand_id 
_pdbx_poly_seq_scheme.pdb_ins_code 
_pdbx_poly_seq_scheme.hetero 
A 1 1 DA  1 1 1 DA  A  A . n 
A 1 2 DC  2 2 2 DC  C  A . n 
A 1 3 DG  3 3 3 DG  G  A . n 
A 1 4 DT  4 4 4 DT  T  A . n 
A 1 5 DA  5 5 5 DA  A  A . n 
A 1 6 DC  6 6 6 DC  C  A . n 
A 1 7 DG  7 7 7 DG  G  A . n 
A 1 8 BRU 8 8 8 BRU +T A . n 
# 
loop_
_pdbx_nonpoly_scheme.asym_id 
_pdbx_nonpoly_scheme.entity_id 
_pdbx_nonpoly_scheme.mon_id 
_pdbx_nonpoly_scheme.ndb_seq_num 
_pdbx_nonpoly_scheme.pdb_seq_num 
_pdbx_nonpoly_scheme.auth_seq_num 
_pdbx_nonpoly_scheme.pdb_mon_id 
_pdbx_nonpoly_scheme.auth_mon_id 
_pdbx_nonpoly_scheme.pdb_strand_id 
_pdbx_nonpoly_scheme.pdb_ins_code 
B 2 HOH 1  9  9  HOH HOH A . 
B 2 HOH 2  10 10 HOH HOH A . 
B 2 HOH 3  11 11 HOH HOH A . 
B 2 HOH 4  12 12 HOH HOH A . 
B 2 HOH 5  13 13 HOH HOH A . 
B 2 HOH 6  14 14 HOH HOH A . 
B 2 HOH 7  15 15 HOH HOH A . 
B 2 HOH 8  16 16 HOH HOH A . 
B 2 HOH 9  17 17 HOH HOH A . 
B 2 HOH 10 18 18 HOH HOH A . 
B 2 HOH 11 19 19 HOH HOH A . 
B 2 HOH 12 20 20 HOH HOH A . 
B 2 HOH 13 21 21 HOH HOH A . 
B 2 HOH 14 22 22 HOH HOH A . 
B 2 HOH 15 23 23 HOH HOH A . 
B 2 HOH 16 24 24 HOH HOH A . 
B 2 HOH 17 25 25 HOH HOH A . 
B 2 HOH 18 26 26 HOH HOH A . 
B 2 HOH 19 27 27 HOH HOH A . 
B 2 HOH 20 28 28 HOH HOH A . 
B 2 HOH 21 29 29 HOH HOH A . 
B 2 HOH 22 30 30 HOH HOH A . 
B 2 HOH 23 31 31 HOH HOH A . 
B 2 HOH 24 32 32 HOH HOH A . 
B 2 HOH 25 33 33 HOH HOH A . 
B 2 HOH 26 34 34 HOH HOH A . 
B 2 HOH 27 35 35 HOH HOH A . 
B 2 HOH 28 36 36 HOH HOH A . 
B 2 HOH 29 37 37 HOH HOH A . 
B 2 HOH 30 38 38 HOH HOH A . 
B 2 HOH 31 39 39 HOH HOH A . 
B 2 HOH 32 40 40 HOH HOH A . 
B 2 HOH 33 41 41 HOH HOH A . 
B 2 HOH 34 42 42 HOH HOH A . 
B 2 HOH 35 43 43 HOH HOH A . 
B 2 HOH 36 44 44 HOH HOH A . 
B 2 HOH 37 45 45 HOH HOH A . 
B 2 HOH 38 46 46 HOH HOH A . 
B 2 HOH 39 47 47 HOH HOH A . 
B 2 HOH 40 48 48 HOH HOH A . 
B 2 HOH 41 49 49 HOH HOH A . 
B 2 HOH 42 50 50 HOH HOH A . 
B 2 HOH 43 51 51 HOH HOH A . 
B 2 HOH 44 52 52 HOH HOH A . 
B 2 HOH 45 53 53 HOH HOH A . 
B 2 HOH 46 54 54 HOH HOH A . 
B 2 HOH 47 55 55 HOH HOH A . 
B 2 HOH 48 56 56 HOH HOH A . 
B 2 HOH 49 57 57 HOH HOH A . 
B 2 HOH 50 58 58 HOH HOH A . 
B 2 HOH 51 59 59 HOH HOH A . 
B 2 HOH 52 60 60 HOH HOH A . 
B 2 HOH 53 61 61 HOH HOH A . 
B 2 HOH 54 62 62 HOH HOH A . 
B 2 HOH 55 63 63 HOH HOH A . 
B 2 HOH 56 64 64 HOH HOH A . 
B 2 HOH 57 65 65 HOH HOH A . 
B 2 HOH 58 66 66 HOH HOH A . 
B 2 HOH 59 67 67 HOH HOH A . 
B 2 HOH 60 68 68 HOH HOH A . 
B 2 HOH 61 69 69 HOH HOH A . 
B 2 HOH 62 70 70 HOH HOH A . 
B 2 HOH 63 71 71 HOH HOH A . 
B 2 HOH 64 72 72 HOH HOH A . 
B 2 HOH 65 73 73 HOH HOH A . 
B 2 HOH 66 74 74 HOH HOH A . 
B 2 HOH 67 75 75 HOH HOH A . 
B 2 HOH 68 76 76 HOH HOH A . 
B 2 HOH 69 77 77 HOH HOH A . 
B 2 HOH 70 78 78 HOH HOH A . 
B 2 HOH 71 79 79 HOH HOH A . 
B 2 HOH 72 80 80 HOH HOH A . 
B 2 HOH 73 81 81 HOH HOH A . 
B 2 HOH 74 82 82 HOH HOH A . 
B 2 HOH 75 83 83 HOH HOH A . 
B 2 HOH 76 84 84 HOH HOH A . 
B 2 HOH 77 85 85 HOH HOH A . 
B 2 HOH 78 86 86 HOH HOH A . 
B 2 HOH 79 87 87 HOH HOH A . 
B 2 HOH 80 88 88 HOH HOH A . 
B 2 HOH 81 89 89 HOH HOH A . 
B 2 HOH 82 90 90 HOH HOH A . 
B 2 HOH 83 91 91 HOH HOH A . 
B 2 HOH 84 92 92 HOH HOH A . 
B 2 HOH 85 93 93 HOH HOH A . 
B 2 HOH 86 94 94 HOH HOH A . 
B 2 HOH 87 95 95 HOH HOH A . 
B 2 HOH 88 96 96 HOH HOH A . 
# 
_pdbx_struct_mod_residue.id               1 
_pdbx_struct_mod_residue.label_asym_id    A 
_pdbx_struct_mod_residue.label_comp_id    BRU 
_pdbx_struct_mod_residue.label_seq_id     8 
_pdbx_struct_mod_residue.auth_asym_id     A 
_pdbx_struct_mod_residue.auth_comp_id     BRU 
_pdbx_struct_mod_residue.auth_seq_id      8 
_pdbx_struct_mod_residue.PDB_ins_code     ? 
_pdbx_struct_mod_residue.parent_comp_id   DU 
_pdbx_struct_mod_residue.details          ? 
# 
_pdbx_struct_assembly.id                   1 
_pdbx_struct_assembly.details              author_defined_assembly 
_pdbx_struct_assembly.method_details       ? 
_pdbx_struct_assembly.oligomeric_details   dimeric 
_pdbx_struct_assembly.oligomeric_count     2 
# 
_pdbx_struct_assembly_gen.assembly_id       1 
_pdbx_struct_assembly_gen.oper_expression   1,2 
_pdbx_struct_assembly_gen.asym_id_list      A,B 
# 
loop_
_pdbx_struct_oper_list.id 
_pdbx_struct_oper_list.type 
_pdbx_struct_oper_list.name 
_pdbx_struct_oper_list.symmetry_operation 
_pdbx_struct_oper_list.matrix[1][1] 
_pdbx_struct_oper_list.matrix[1][2] 
_pdbx_struct_oper_list.matrix[1][3] 
_pdbx_struct_oper_list.vector[1] 
_pdbx_struct_oper_list.matrix[2][1] 
_pdbx_struct_oper_list.matrix[2][2] 
_pdbx_struct_oper_list.matrix[2][3] 
_pdbx_struct_oper_list.vector[2] 
_pdbx_struct_oper_list.matrix[3][1] 
_pdbx_struct_oper_list.matrix[3][2] 
_pdbx_struct_oper_list.matrix[3][3] 
_pdbx_struct_oper_list.vector[3] 
1 'identity operation'         1_555 x,y,z  1.0000000000  0.0000000000  0.0000000000 0.0000000000  0.0000000000  1.0000000000  0.0000000000  0.0000000000  0.0000000000 0.0000000000  1.0000000000 0.0000000000  
2 'crystal symmetry operation' 7_555 y,x,-z -0.9363858254 -0.1856549354 0.2978486712 -3.2919791314 -0.1856549354 -0.4581749233 -0.8692571453 -4.4733699544 0.2978486712 -0.8692571453 0.3945607487 -2.0852423885 
# 
loop_
_pdbx_struct_special_symmetry.id 
_pdbx_struct_special_symmetry.PDB_model_num 
_pdbx_struct_special_symmetry.auth_asym_id 
_pdbx_struct_special_symmetry.auth_comp_id 
_pdbx_struct_special_symmetry.auth_seq_id 
_pdbx_struct_special_symmetry.PDB_ins_code 
_pdbx_struct_special_symmetry.label_asym_id 
_pdbx_struct_special_symmetry.label_comp_id 
_pdbx_struct_special_symmetry.label_seq_id 
1 1 A HOH 54 ? B HOH . 
2 1 A HOH 74 ? B HOH . 
3 1 A HOH 92 ? B HOH . 
# 
loop_
_pdbx_audit_revision_history.ordinal 
_pdbx_audit_revision_history.data_content_type 
_pdbx_audit_revision_history.major_revision 
_pdbx_audit_revision_history.minor_revision 
_pdbx_audit_revision_history.revision_date 
1 'Structure model' 1 0 1997-09-26 
2 'Structure model' 1 1 2008-05-22 
3 'Structure model' 1 2 2011-07-13 
4 'Structure model' 1 3 2023-08-02 
# 
_pdbx_audit_revision_details.ordinal             1 
_pdbx_audit_revision_details.revision_ordinal    1 
_pdbx_audit_revision_details.data_content_type   'Structure model' 
_pdbx_audit_revision_details.provider            repository 
_pdbx_audit_revision_details.type                'Initial release' 
_pdbx_audit_revision_details.description         ? 
_pdbx_audit_revision_details.details             ? 
# 
loop_
_pdbx_audit_revision_group.ordinal 
_pdbx_audit_revision_group.revision_ordinal 
_pdbx_audit_revision_group.data_content_type 
_pdbx_audit_revision_group.group 
1 2 'Structure model' 'Version format compliance' 
2 3 'Structure model' 'Version format compliance' 
3 4 'Structure model' 'Database references'       
4 4 'Structure model' 'Derived calculations'      
5 4 'Structure model' 'Refinement description'    
# 
loop_
_pdbx_audit_revision_category.ordinal 
_pdbx_audit_revision_category.revision_ordinal 
_pdbx_audit_revision_category.data_content_type 
_pdbx_audit_revision_category.category 
1 4 'Structure model' database_2                    
2 4 'Structure model' pdbx_initial_refinement_model 
3 4 'Structure model' struct_conn                   
# 
loop_
_pdbx_audit_revision_item.ordinal 
_pdbx_audit_revision_item.revision_ordinal 
_pdbx_audit_revision_item.data_content_type 
_pdbx_audit_revision_item.item 
1 4 'Structure model' '_database_2.pdbx_DOI'                
2 4 'Structure model' '_database_2.pdbx_database_accession' 
3 4 'Structure model' '_struct_conn.pdbx_leaving_atom_flag' 
# 
loop_
_software.name 
_software.classification 
_software.version 
_software.citation_id 
_software.pdbx_ordinal 
MLPHARE   phasing          .                 ? 1 
DM        'model building' '(CCP4 VERSIONS)' ? 2 
SHELXL-96 refinement       .                 ? 3 
DENZO     'data reduction' .                 ? 4 
SCALEPACK 'data scaling'   .                 ? 5 
DM        phasing          .                 ? 6 
# 
loop_
_pdbx_validate_rmsd_bond.id 
_pdbx_validate_rmsd_bond.PDB_model_num 
_pdbx_validate_rmsd_bond.auth_atom_id_1 
_pdbx_validate_rmsd_bond.auth_asym_id_1 
_pdbx_validate_rmsd_bond.auth_comp_id_1 
_pdbx_validate_rmsd_bond.auth_seq_id_1 
_pdbx_validate_rmsd_bond.PDB_ins_code_1 
_pdbx_validate_rmsd_bond.label_alt_id_1 
_pdbx_validate_rmsd_bond.auth_atom_id_2 
_pdbx_validate_rmsd_bond.auth_asym_id_2 
_pdbx_validate_rmsd_bond.auth_comp_id_2 
_pdbx_validate_rmsd_bond.auth_seq_id_2 
_pdbx_validate_rmsd_bond.PDB_ins_code_2 
_pdbx_validate_rmsd_bond.label_alt_id_2 
_pdbx_validate_rmsd_bond.bond_value 
_pdbx_validate_rmsd_bond.bond_target_value 
_pdbx_validate_rmsd_bond.bond_deviation 
_pdbx_validate_rmsd_bond.bond_standard_deviation 
_pdbx_validate_rmsd_bond.linker_flag 
1  1 "C5'" A DA 1 ? ? "C4'" A DA 1 ? ? 1.580 1.512 0.068 0.007 N 
2  1 "C4'" A DA 1 ? ? "C3'" A DA 1 ? ? 1.616 1.529 0.087 0.010 N 
3  1 "C3'" A DA 1 ? ? "C2'" A DA 1 ? ? 1.621 1.518 0.103 0.012 N 
4  1 "O4'" A DA 1 ? ? "C1'" A DA 1 ? ? 1.505 1.420 0.085 0.011 N 
5  1 "O4'" A DA 1 ? ? "C4'" A DA 1 ? ? 1.505 1.449 0.056 0.009 N 
6  1 C2    A DA 1 ? ? N3    A DA 1 ? ? 1.393 1.331 0.062 0.009 N 
7  1 N3    A DA 1 ? ? C4    A DA 1 ? ? 1.390 1.344 0.046 0.006 N 
8  1 C6    A DA 1 ? ? N1    A DA 1 ? ? 1.408 1.351 0.057 0.007 N 
9  1 N7    A DA 1 ? ? C8    A DA 1 ? ? 1.373 1.311 0.062 0.007 N 
10 1 C6    A DA 1 ? ? N6    A DA 1 ? ? 1.400 1.335 0.065 0.008 N 
11 1 P     A DC 2 ? ? "O5'" A DC 2 ? ? 1.660 1.593 0.067 0.010 N 
12 1 "C5'" A DC 2 ? ? "C4'" A DC 2 ? ? 1.562 1.512 0.050 0.007 N 
13 1 "C4'" A DC 2 ? ? "C3'" A DC 2 ? ? 1.646 1.529 0.117 0.010 N 
14 1 "C3'" A DC 2 ? ? "C2'" A DC 2 ? ? 1.615 1.518 0.097 0.012 N 
15 1 "O4'" A DC 2 ? ? "C1'" A DC 2 ? ? 1.504 1.420 0.084 0.011 N 
16 1 "O4'" A DC 2 ? ? "C4'" A DC 2 ? ? 1.515 1.449 0.066 0.009 N 
17 1 "C1'" A DC 2 ? ? N1    A DC 2 ? ? 1.583 1.488 0.095 0.013 N 
18 1 C4    A DC 2 ? ? N4    A DC 2 ? ? 1.390 1.335 0.055 0.009 N 
19 1 P     A DG 3 ? ? "O5'" A DG 3 ? ? 1.670 1.593 0.077 0.010 N 
20 1 "C5'" A DG 3 ? ? "C4'" A DG 3 ? ? 1.602 1.512 0.090 0.007 N 
21 1 "C4'" A DG 3 ? ? "C3'" A DG 3 ? ? 1.651 1.529 0.122 0.010 N 
22 1 "C3'" A DG 3 ? ? "C2'" A DG 3 ? ? 1.627 1.518 0.109 0.012 N 
23 1 "O4'" A DG 3 ? ? "C1'" A DG 3 ? ? 1.519 1.420 0.099 0.011 N 
24 1 "O4'" A DG 3 ? ? "C4'" A DG 3 ? ? 1.506 1.449 0.057 0.009 N 
25 1 N1    A DG 3 ? ? C2    A DG 3 ? ? 1.432 1.373 0.059 0.008 N 
26 1 C5    A DG 3 ? ? N7    A DG 3 ? ? 1.426 1.388 0.038 0.006 N 
27 1 P     A DT 4 ? ? "O5'" A DT 4 ? ? 1.675 1.593 0.082 0.010 N 
28 1 "C5'" A DT 4 ? ? "C4'" A DT 4 ? ? 1.601 1.512 0.089 0.007 N 
29 1 "C4'" A DT 4 ? ? "C3'" A DT 4 ? ? 1.650 1.529 0.121 0.010 N 
30 1 "C3'" A DT 4 ? ? "C2'" A DT 4 ? ? 1.623 1.518 0.105 0.012 N 
31 1 "O4'" A DT 4 ? ? "C1'" A DT 4 ? ? 1.530 1.420 0.110 0.011 N 
32 1 "C1'" A DT 4 ? ? N1    A DT 4 ? ? 1.567 1.488 0.079 0.013 N 
33 1 C5    A DT 4 ? ? C7    A DT 4 ? ? 1.589 1.496 0.093 0.006 N 
34 1 P     A DA 5 ? ? "O5'" A DA 5 ? ? 1.685 1.593 0.092 0.010 N 
35 1 "C5'" A DA 5 ? ? "C4'" A DA 5 ? ? 1.588 1.512 0.076 0.007 N 
36 1 "C4'" A DA 5 ? ? "C3'" A DA 5 ? ? 1.620 1.529 0.091 0.010 N 
37 1 "C3'" A DA 5 ? ? "C2'" A DA 5 ? ? 1.606 1.518 0.088 0.012 N 
38 1 "O4'" A DA 5 ? ? "C1'" A DA 5 ? ? 1.509 1.420 0.089 0.011 N 
39 1 "O4'" A DA 5 ? ? "C4'" A DA 5 ? ? 1.509 1.449 0.060 0.009 N 
40 1 N3    A DA 5 ? ? C4    A DA 5 ? ? 1.393 1.344 0.049 0.006 N 
41 1 C5    A DA 5 ? ? N7    A DA 5 ? ? 1.476 1.388 0.088 0.006 N 
42 1 P     A DC 6 ? ? "O5'" A DC 6 ? ? 1.666 1.593 0.073 0.010 N 
43 1 "C5'" A DC 6 ? ? "C4'" A DC 6 ? ? 1.571 1.512 0.059 0.007 N 
44 1 "C4'" A DC 6 ? ? "C3'" A DC 6 ? ? 1.629 1.529 0.100 0.010 N 
45 1 "C3'" A DC 6 ? ? "C2'" A DC 6 ? ? 1.615 1.518 0.097 0.012 N 
46 1 "O4'" A DC 6 ? ? "C1'" A DC 6 ? ? 1.516 1.420 0.096 0.011 N 
47 1 "O4'" A DC 6 ? ? "C4'" A DC 6 ? ? 1.533 1.449 0.084 0.009 N 
48 1 "C1'" A DC 6 ? ? N1    A DC 6 ? ? 1.608 1.488 0.120 0.013 N 
49 1 C4    A DC 6 ? ? N4    A DC 6 ? ? 1.396 1.335 0.061 0.009 N 
50 1 N1    A DC 6 ? ? C6    A DC 6 ? ? 1.432 1.367 0.065 0.006 N 
51 1 N3    A DC 6 ? ? C4    A DC 6 ? ? 1.387 1.335 0.052 0.007 N 
52 1 P     A DG 7 ? ? "O5'" A DG 7 ? ? 1.683 1.593 0.090 0.010 N 
53 1 "C5'" A DG 7 ? ? "C4'" A DG 7 ? ? 1.585 1.512 0.073 0.007 N 
54 1 "C4'" A DG 7 ? ? "C3'" A DG 7 ? ? 1.634 1.529 0.105 0.010 N 
55 1 "C3'" A DG 7 ? ? "C2'" A DG 7 ? ? 1.611 1.518 0.093 0.012 N 
56 1 "O4'" A DG 7 ? ? "C1'" A DG 7 ? ? 1.507 1.420 0.087 0.011 N 
57 1 N3    A DG 7 ? ? C4    A DG 7 ? ? 1.396 1.350 0.046 0.007 N 
58 1 C6    A DG 7 ? ? N1    A DG 7 ? ? 1.444 1.391 0.053 0.007 N 
59 1 N7    A DG 7 ? ? C8    A DG 7 ? ? 1.355 1.305 0.050 0.006 N 
# 
loop_
_pdbx_validate_rmsd_angle.id 
_pdbx_validate_rmsd_angle.PDB_model_num 
_pdbx_validate_rmsd_angle.auth_atom_id_1 
_pdbx_validate_rmsd_angle.auth_asym_id_1 
_pdbx_validate_rmsd_angle.auth_comp_id_1 
_pdbx_validate_rmsd_angle.auth_seq_id_1 
_pdbx_validate_rmsd_angle.PDB_ins_code_1 
_pdbx_validate_rmsd_angle.label_alt_id_1 
_pdbx_validate_rmsd_angle.auth_atom_id_2 
_pdbx_validate_rmsd_angle.auth_asym_id_2 
_pdbx_validate_rmsd_angle.auth_comp_id_2 
_pdbx_validate_rmsd_angle.auth_seq_id_2 
_pdbx_validate_rmsd_angle.PDB_ins_code_2 
_pdbx_validate_rmsd_angle.label_alt_id_2 
_pdbx_validate_rmsd_angle.auth_atom_id_3 
_pdbx_validate_rmsd_angle.auth_asym_id_3 
_pdbx_validate_rmsd_angle.auth_comp_id_3 
_pdbx_validate_rmsd_angle.auth_seq_id_3 
_pdbx_validate_rmsd_angle.PDB_ins_code_3 
_pdbx_validate_rmsd_angle.label_alt_id_3 
_pdbx_validate_rmsd_angle.angle_value 
_pdbx_validate_rmsd_angle.angle_target_value 
_pdbx_validate_rmsd_angle.angle_deviation 
_pdbx_validate_rmsd_angle.angle_standard_deviation 
_pdbx_validate_rmsd_angle.linker_flag 
1  1 "O4'" A DC 2 ? ? "C4'" A DC 2 ? ? "C3'" A DC 2 ? ? 100.08 104.50 -4.42 0.40 N 
2  1 "C3'" A DC 2 ? ? "C2'" A DC 2 ? ? "C1'" A DC 2 ? ? 97.39  102.40 -5.01 0.80 N 
3  1 "O4'" A DC 2 ? ? "C1'" A DC 2 ? ? "C2'" A DC 2 ? ? 109.85 106.80 3.05  0.50 N 
4  1 "O4'" A DG 3 ? ? "C1'" A DG 3 ? ? "C2'" A DG 3 ? ? 111.69 106.80 4.89  0.50 N 
5  1 C6    A DG 3 ? ? N1    A DG 3 ? ? C2    A DG 3 ? ? 120.63 125.10 -4.47 0.60 N 
6  1 C5    A DG 3 ? ? C6    A DG 3 ? ? N1    A DG 3 ? ? 115.76 111.50 4.26  0.50 N 
7  1 N1    A DG 3 ? ? C6    A DG 3 ? ? O6    A DG 3 ? ? 115.76 119.90 -4.14 0.60 N 
8  1 "C3'" A DT 4 ? ? "C2'" A DT 4 ? ? "C1'" A DT 4 ? ? 97.41  102.40 -4.99 0.80 N 
9  1 "O4'" A DT 4 ? ? "C1'" A DT 4 ? ? "C2'" A DT 4 ? ? 114.50 106.80 7.70  0.50 N 
10 1 C2    A DT 4 ? ? N3    A DT 4 ? ? C4    A DT 4 ? ? 123.41 127.20 -3.79 0.60 N 
11 1 "C3'" A DA 5 ? ? "C2'" A DA 5 ? ? "C1'" A DA 5 ? ? 96.97  102.40 -5.43 0.80 N 
12 1 "O4'" A DA 5 ? ? "C1'" A DA 5 ? ? "C2'" A DA 5 ? ? 112.98 106.80 6.18  0.50 N 
13 1 "O4'" A DA 5 ? ? "C1'" A DA 5 ? ? N9    A DA 5 ? ? 103.04 108.00 -4.96 0.70 N 
14 1 C4    A DA 5 ? ? C5    A DA 5 ? ? C6    A DA 5 ? ? 120.05 117.00 3.05  0.50 N 
15 1 "O4'" A DC 6 ? ? "C4'" A DC 6 ? ? "C3'" A DC 6 ? ? 101.92 104.50 -2.58 0.40 N 
16 1 "O4'" A DC 6 ? ? "C1'" A DC 6 ? ? "C2'" A DC 6 ? ? 110.67 106.80 3.87  0.50 N 
17 1 "O4'" A DG 7 ? ? "C1'" A DG 7 ? ? "C2'" A DG 7 ? ? 110.67 106.80 3.87  0.50 N 
# 
_ndb_struct_conf_na.entry_id   344D 
_ndb_struct_conf_na.feature    'a-form double helix' 
# 
loop_
_ndb_struct_na_base_pair.model_number 
_ndb_struct_na_base_pair.i_label_asym_id 
_ndb_struct_na_base_pair.i_label_comp_id 
_ndb_struct_na_base_pair.i_label_seq_id 
_ndb_struct_na_base_pair.i_symmetry 
_ndb_struct_na_base_pair.j_label_asym_id 
_ndb_struct_na_base_pair.j_label_comp_id 
_ndb_struct_na_base_pair.j_label_seq_id 
_ndb_struct_na_base_pair.j_symmetry 
_ndb_struct_na_base_pair.shear 
_ndb_struct_na_base_pair.stretch 
_ndb_struct_na_base_pair.stagger 
_ndb_struct_na_base_pair.buckle 
_ndb_struct_na_base_pair.propeller 
_ndb_struct_na_base_pair.opening 
_ndb_struct_na_base_pair.pair_number 
_ndb_struct_na_base_pair.pair_name 
_ndb_struct_na_base_pair.i_auth_asym_id 
_ndb_struct_na_base_pair.i_auth_seq_id 
_ndb_struct_na_base_pair.i_PDB_ins_code 
_ndb_struct_na_base_pair.j_auth_asym_id 
_ndb_struct_na_base_pair.j_auth_seq_id 
_ndb_struct_na_base_pair.j_PDB_ins_code 
_ndb_struct_na_base_pair.hbond_type_28 
_ndb_struct_na_base_pair.hbond_type_12 
1 A DA  1 1_555 A BRU 8 7_555 0.100  0.147 -0.052 1.809  -15.048 -4.511 1 A_DA1:BRU8_A A 1 ? A 8 ? 20 1 
1 A DC  2 1_555 A DG  7 7_555 0.224  0.085 0.026  7.608  -16.208 0.498  2 A_DC2:DG7_A  A 2 ? A 7 ? 19 1 
1 A DG  3 1_555 A DC  6 7_555 -0.258 0.083 0.158  -4.492 -15.089 0.042  3 A_DG3:DC6_A  A 3 ? A 6 ? 19 1 
1 A DT  4 1_555 A DA  5 7_555 -0.049 0.141 0.294  -4.964 -9.385  -4.466 4 A_DT4:DA5_A  A 4 ? A 5 ? 20 1 
1 A DA  5 1_555 A DT  4 7_555 0.049  0.141 0.294  4.964  -9.385  -4.466 5 A_DA5:DT4_A  A 5 ? A 4 ? 20 1 
1 A DC  6 1_555 A DG  3 7_555 0.258  0.083 0.158  4.492  -15.089 0.042  6 A_DC6:DG3_A  A 6 ? A 3 ? 19 1 
1 A DG  7 1_555 A DC  2 7_555 -0.224 0.085 0.026  -7.608 -16.208 0.498  7 A_DG7:DC2_A  A 7 ? A 2 ? 19 1 
1 A BRU 8 1_555 A DA  1 7_555 -0.100 0.147 -0.052 -1.809 -15.048 -4.511 8 A_BRU8:DA1_A A 8 ? A 1 ? 20 1 
# 
loop_
_ndb_struct_na_base_pair_step.model_number 
_ndb_struct_na_base_pair_step.i_label_asym_id_1 
_ndb_struct_na_base_pair_step.i_label_comp_id_1 
_ndb_struct_na_base_pair_step.i_label_seq_id_1 
_ndb_struct_na_base_pair_step.i_symmetry_1 
_ndb_struct_na_base_pair_step.j_label_asym_id_1 
_ndb_struct_na_base_pair_step.j_label_comp_id_1 
_ndb_struct_na_base_pair_step.j_label_seq_id_1 
_ndb_struct_na_base_pair_step.j_symmetry_1 
_ndb_struct_na_base_pair_step.i_label_asym_id_2 
_ndb_struct_na_base_pair_step.i_label_comp_id_2 
_ndb_struct_na_base_pair_step.i_label_seq_id_2 
_ndb_struct_na_base_pair_step.i_symmetry_2 
_ndb_struct_na_base_pair_step.j_label_asym_id_2 
_ndb_struct_na_base_pair_step.j_label_comp_id_2 
_ndb_struct_na_base_pair_step.j_label_seq_id_2 
_ndb_struct_na_base_pair_step.j_symmetry_2 
_ndb_struct_na_base_pair_step.shift 
_ndb_struct_na_base_pair_step.slide 
_ndb_struct_na_base_pair_step.rise 
_ndb_struct_na_base_pair_step.tilt 
_ndb_struct_na_base_pair_step.roll 
_ndb_struct_na_base_pair_step.twist 
_ndb_struct_na_base_pair_step.x_displacement 
_ndb_struct_na_base_pair_step.y_displacement 
_ndb_struct_na_base_pair_step.helical_rise 
_ndb_struct_na_base_pair_step.inclination 
_ndb_struct_na_base_pair_step.tip 
_ndb_struct_na_base_pair_step.helical_twist 
_ndb_struct_na_base_pair_step.step_number 
_ndb_struct_na_base_pair_step.step_name 
_ndb_struct_na_base_pair_step.i_auth_asym_id_1 
_ndb_struct_na_base_pair_step.i_auth_seq_id_1 
_ndb_struct_na_base_pair_step.i_PDB_ins_code_1 
_ndb_struct_na_base_pair_step.j_auth_asym_id_1 
_ndb_struct_na_base_pair_step.j_auth_seq_id_1 
_ndb_struct_na_base_pair_step.j_PDB_ins_code_1 
_ndb_struct_na_base_pair_step.i_auth_asym_id_2 
_ndb_struct_na_base_pair_step.i_auth_seq_id_2 
_ndb_struct_na_base_pair_step.i_PDB_ins_code_2 
_ndb_struct_na_base_pair_step.j_auth_asym_id_2 
_ndb_struct_na_base_pair_step.j_auth_seq_id_2 
_ndb_struct_na_base_pair_step.j_PDB_ins_code_2 
1 A DA 1 1_555 A BRU 8 7_555 A DC  2 1_555 A DG 7 7_555 0.992  -1.492 3.229 1.234  5.427  34.179 -3.307 -1.485 2.997 9.159  -2.082 
34.616 1 AA_DA1DC2:DG7BRU8_AA A 1 ? A 8 ? A 2 ? A 7 ? 
1 A DC 2 1_555 A DG  7 7_555 A DG  3 1_555 A DC 6 7_555 -0.130 -1.791 3.517 -0.628 12.700 29.596 -5.435 0.126  2.555 23.540 1.163  
32.156 2 AA_DC2DG3:DC6DG7_AA  A 2 ? A 7 ? A 3 ? A 6 ? 
1 A DG 3 1_555 A DC  6 7_555 A DT  4 1_555 A DA 5 7_555 -0.484 -1.470 3.415 -0.714 -0.097 36.445 -2.335 0.669  3.427 -0.156 1.142  
36.451 3 AA_DG3DT4:DA5DC6_AA  A 3 ? A 6 ? A 4 ? A 5 ? 
1 A DT 4 1_555 A DA  5 7_555 A DA  5 1_555 A DT 4 7_555 0.000  -1.515 2.998 0.000  4.654  29.813 -3.747 0.000  2.736 8.977  0.000  
30.165 4 AA_DT4DA5:DT4DA5_AA  A 4 ? A 5 ? A 5 ? A 4 ? 
1 A DA 5 1_555 A DT  4 7_555 A DC  6 1_555 A DG 3 7_555 0.484  -1.470 3.415 0.714  -0.097 36.445 -2.335 -0.669 3.427 -0.156 -1.142 
36.451 5 AA_DA5DC6:DG3DT4_AA  A 5 ? A 4 ? A 6 ? A 3 ? 
1 A DC 6 1_555 A DG  3 7_555 A DG  7 1_555 A DC 2 7_555 0.130  -1.791 3.517 0.628  12.700 29.596 -5.435 -0.126 2.555 23.540 -1.163 
32.156 6 AA_DC6DG7:DC2DG3_AA  A 6 ? A 3 ? A 7 ? A 2 ? 
1 A DG 7 1_555 A DC  2 7_555 A BRU 8 1_555 A DA 1 7_555 -0.992 -1.492 3.229 -1.234 5.427  34.179 -3.307 1.485  2.997 9.159  2.082  
34.616 7 AA_DG7BRU8:DA1DC2_AA A 7 ? A 2 ? A 8 ? A 1 ? 
# 
_pdbx_entity_nonpoly.entity_id   2 
_pdbx_entity_nonpoly.name        water 
_pdbx_entity_nonpoly.comp_id     HOH 
# 
_pdbx_initial_refinement_model.id               1 
_pdbx_initial_refinement_model.entity_id_list   ? 
_pdbx_initial_refinement_model.type             'experimental model' 
_pdbx_initial_refinement_model.source_name      PDB 
_pdbx_initial_refinement_model.accession_code   243D 
_pdbx_initial_refinement_model.details          'NDB ENTRY ADH070 (PDB ENTRY 243D)' 
# 
